data_9ETH
#
_entry.id   9ETH
#
_cell.length_a   54.64
_cell.length_b   175.35
_cell.length_c   191.01
_cell.angle_alpha   90
_cell.angle_beta   90
_cell.angle_gamma   90
#
_symmetry.space_group_name_H-M   'C 2 2 21'
#
loop_
_entity.id
_entity.type
_entity.pdbx_description
1 polymer 'BI00655130 Fab heavy chain'
2 polymer 'BI00655130 Fab light chain'
3 polymer ACE-PHE-VAL-GLU-5CW-3PN-TRP-ASP-TYR-VAL-CHG-6G5-SER-GLU-CYS-NH2
4 polymer 'Interleukin-1 receptor-like 2'
5 branched 2-acetamido-2-deoxy-beta-D-glucopyranose-(1-4)-2-acetamido-2-deoxy-beta-D-glucopyranose
6 branched 2-acetamido-2-deoxy-beta-D-glucopyranose-(1-3)-alpha-D-mannopyranose-(1-6)-[alpha-D-mannopyranose-(1-3)]beta-D-mannopyranose-(1-4)-2-acetamido-2-deoxy-beta-D-glucopyranose-(1-4)-2-acetamido-2-deoxy-beta-D-glucopyranose
7 non-polymer 'SULFATE ION'
8 non-polymer 'SODIUM ION'
9 non-polymer 2-acetamido-2-deoxy-beta-D-glucopyranose
10 non-polymer GLYCEROL
11 water water
#
loop_
_entity_poly.entity_id
_entity_poly.type
_entity_poly.pdbx_seq_one_letter_code
_entity_poly.pdbx_strand_id
1 'polypeptide(L)'
;QVQLVQSGAEVKKPGASVKVSCKASGYSFTSSWIHWVKQAPGQGLEWMGEINPGNVRTNYNENFRNKVTMTVDTSISTAY
MELSRLRSDDTAVYYCTVVFYGEPYFPYWGQGTLVTVSSASTKGPSVFPLAPSSKSTSGGTAALGCLVKDYFPEPVTVSW
NSGALTSGVHTFPAVLQSSGLYSLSSVVTVPSSSLGTQTYICNVNHKPSNTKVDKRVEPKS
;
H
2 'polypeptide(L)'
;QIVLTQSPGTLSLSPGERATMTCTASSSVSSSYFHWYQQKPGQAPRLWIYRTSRLASGVPDRFSGSGSGTDFTLTISRLE
PEDAATYYCHQFHRSPLTFGAGTKLEIKRTVAAPSVFIFPPSDEQLKSGTASVVCLLNNFYPREAKVQWKVDNALQSGNS
QESVTEQDSKDSTYSLSSTLTLSKADYEKHKVYACEVTHQGLSSPVTKSFNRGEC
;
L
3 'polypeptide(L)' (ACE)FVE(5CW)(A1H6Z)WDYV(CHG)(6G5)SEC(NH2) P
4 'polypeptide(L)'
;DGCKDIFMKNEILSASQPFAFNCTFPPITSGEVSVTWYKNSSKIPVSKIIQSRIHQDETWILFLPMEWGDSGVYQCVIKG
RDSCHRIHVNLTVFEKHWCDTSIGGLPNLSDEYKQILHLGKDDSLTCHLHFPKSCVLGPIKWYKDCNEIKGERFTVLETR
LLVSNVSAEDRGNYACQAILTHSGKQYEVLNGITVSITERAHHHHHH
;
R
#
loop_
_chem_comp.id
_chem_comp.type
_chem_comp.name
_chem_comp.formula
ACE non-polymer 'ACETYL GROUP' 'C2 H4 O'
BMA D-saccharide, beta linking beta-D-mannopyranose 'C6 H12 O6'
GOL non-polymer GLYCEROL 'C3 H8 O3'
MAN D-saccharide, alpha linking alpha-D-mannopyranose 'C6 H12 O6'
NA non-polymer 'SODIUM ION' 'Na 1'
NAG D-saccharide, beta linking 2-acetamido-2-deoxy-beta-D-glucopyranose 'C8 H15 N O6'
NH2 non-polymer 'AMINO GROUP' 'H2 N'
SO4 non-polymer 'SULFATE ION' 'O4 S -2'
#
# COMPACT_ATOMS: atom_id res chain seq x y z
N GLN A 1 -6.62 9.50 13.21
CA GLN A 1 -6.44 8.82 11.93
C GLN A 1 -5.39 7.69 12.02
N VAL A 2 -5.59 6.58 11.25
CA VAL A 2 -4.63 5.47 11.23
C VAL A 2 -3.29 5.94 10.63
N GLN A 3 -2.19 5.77 11.38
CA GLN A 3 -0.87 6.18 10.91
C GLN A 3 0.21 5.17 11.28
N LEU A 4 1.19 4.99 10.37
CA LEU A 4 2.33 4.10 10.55
C LEU A 4 3.65 4.90 10.43
N VAL A 5 4.40 4.99 11.53
CA VAL A 5 5.66 5.74 11.51
C VAL A 5 6.86 4.81 11.57
N GLN A 6 7.69 4.81 10.54
CA GLN A 6 8.85 3.93 10.49
C GLN A 6 10.14 4.59 10.96
N SER A 7 11.08 3.79 11.45
CA SER A 7 12.41 4.30 11.83
C SER A 7 13.16 4.86 10.59
N GLY A 8 14.21 5.63 10.83
CA GLY A 8 14.98 6.25 9.76
C GLY A 8 15.92 5.32 9.04
N ALA A 9 16.36 5.74 7.87
CA ALA A 9 17.29 5.04 6.99
C ALA A 9 18.57 4.52 7.67
N GLU A 10 19.06 3.37 7.21
CA GLU A 10 20.25 2.78 7.78
C GLU A 10 21.21 2.25 6.75
N VAL A 11 22.49 2.30 7.08
CA VAL A 11 23.54 1.73 6.29
C VAL A 11 24.12 0.63 7.16
N LYS A 12 24.26 -0.55 6.60
CA LYS A 12 24.85 -1.67 7.30
C LYS A 12 25.86 -2.34 6.40
N LYS A 13 26.93 -2.87 6.99
CA LYS A 13 27.95 -3.58 6.22
C LYS A 13 27.44 -4.95 5.87
N PRO A 14 27.92 -5.57 4.77
CA PRO A 14 27.46 -6.93 4.45
C PRO A 14 27.75 -7.91 5.60
N GLY A 15 26.79 -8.78 5.89
CA GLY A 15 26.88 -9.76 6.96
C GLY A 15 26.20 -9.31 8.25
N ALA A 16 25.98 -8.01 8.40
CA ALA A 16 25.35 -7.45 9.58
C ALA A 16 23.79 -7.71 9.59
N SER A 17 23.12 -7.31 10.66
CA SER A 17 21.69 -7.35 10.79
C SER A 17 21.20 -5.91 10.85
N VAL A 18 19.92 -5.74 10.64
CA VAL A 18 19.28 -4.44 10.75
C VAL A 18 17.90 -4.68 11.30
N LYS A 19 17.39 -3.73 12.08
CA LYS A 19 16.05 -3.83 12.63
C LYS A 19 15.31 -2.56 12.27
N VAL A 20 14.21 -2.69 11.54
CA VAL A 20 13.40 -1.55 11.14
C VAL A 20 12.12 -1.52 12.00
N SER A 21 11.69 -0.32 12.44
CA SER A 21 10.51 -0.11 13.31
C SER A 21 9.32 0.39 12.54
N CYS A 22 8.13 0.11 13.07
CA CYS A 22 6.89 0.59 12.50
C CYS A 22 5.92 0.82 13.66
N LYS A 23 5.85 2.05 14.14
CA LYS A 23 5.00 2.44 15.27
C LYS A 23 3.62 2.85 14.74
N ALA A 24 2.59 2.14 15.19
CA ALA A 24 1.24 2.37 14.72
C ALA A 24 0.40 3.20 15.69
N SER A 25 -0.64 3.88 15.16
CA SER A 25 -1.61 4.67 15.93
C SER A 25 -2.94 4.81 15.14
N GLY A 26 -3.99 5.26 15.80
CA GLY A 26 -5.29 5.46 15.18
C GLY A 26 -6.22 4.26 15.19
N TYR A 27 -5.79 3.15 15.79
CA TYR A 27 -6.59 1.93 15.85
C TYR A 27 -6.04 1.02 16.95
N SER A 28 -6.76 -0.07 17.29
CA SER A 28 -6.30 -1.04 18.27
C SER A 28 -5.19 -1.89 17.63
N PHE A 29 -3.93 -1.65 18.00
CA PHE A 29 -2.73 -2.31 17.47
C PHE A 29 -2.79 -3.85 17.43
N THR A 30 -3.32 -4.47 18.50
CA THR A 30 -3.39 -5.93 18.62
C THR A 30 -4.46 -6.61 17.73
N SER A 31 -5.30 -5.83 17.06
CA SER A 31 -6.37 -6.41 16.26
C SER A 31 -6.06 -6.56 14.79
N SER A 32 -4.87 -6.18 14.32
CA SER A 32 -4.62 -6.20 12.89
C SER A 32 -3.26 -6.71 12.48
N TRP A 33 -3.20 -7.38 11.33
CA TRP A 33 -1.91 -7.88 10.83
C TRP A 33 -1.06 -6.76 10.26
N ILE A 34 0.22 -6.75 10.63
CA ILE A 34 1.18 -5.82 10.07
C ILE A 34 1.96 -6.57 8.98
N HIS A 35 2.02 -6.04 7.75
CA HIS A 35 2.78 -6.64 6.67
C HIS A 35 3.98 -5.80 6.33
N TRP A 36 5.01 -6.44 5.74
CA TRP A 36 6.21 -5.73 5.29
C TRP A 36 6.39 -6.00 3.80
N VAL A 37 6.72 -4.96 3.05
CA VAL A 37 6.86 -4.99 1.59
C VAL A 37 8.21 -4.40 1.17
N LYS A 38 8.95 -5.13 0.34
CA LYS A 38 10.25 -4.71 -0.14
C LYS A 38 10.16 -4.03 -1.51
N GLN A 39 10.90 -2.94 -1.69
CA GLN A 39 11.02 -2.31 -2.98
C GLN A 39 12.46 -1.92 -3.26
N ALA A 40 13.18 -2.80 -3.96
CA ALA A 40 14.55 -2.54 -4.37
C ALA A 40 14.56 -1.35 -5.35
N PRO A 41 15.65 -0.56 -5.38
CA PRO A 41 15.64 0.65 -6.24
C PRO A 41 15.31 0.39 -7.70
N GLY A 42 14.32 1.12 -8.20
CA GLY A 42 13.87 0.99 -9.57
C GLY A 42 13.02 -0.23 -9.85
N GLN A 43 12.69 -1.04 -8.82
CA GLN A 43 11.92 -2.26 -9.02
C GLN A 43 10.47 -2.18 -8.48
N GLY A 44 9.75 -3.29 -8.56
CA GLY A 44 8.41 -3.40 -8.06
C GLY A 44 8.37 -3.79 -6.59
N LEU A 45 7.18 -4.12 -6.12
CA LEU A 45 6.89 -4.46 -4.74
C LEU A 45 6.91 -5.98 -4.49
N GLU A 46 7.58 -6.41 -3.42
CA GLU A 46 7.63 -7.83 -3.06
C GLU A 46 7.14 -8.02 -1.64
N TRP A 47 6.15 -8.88 -1.45
CA TRP A 47 5.62 -9.13 -0.12
C TRP A 47 6.61 -9.99 0.68
N MET A 48 6.94 -9.54 1.90
CA MET A 48 7.89 -10.26 2.73
C MET A 48 7.25 -11.18 3.74
N GLY A 49 6.17 -10.71 4.35
CA GLY A 49 5.49 -11.48 5.37
C GLY A 49 4.51 -10.65 6.15
N GLU A 50 3.93 -11.27 7.19
CA GLU A 50 2.94 -10.65 8.05
C GLU A 50 3.07 -11.13 9.50
N ILE A 51 2.73 -10.25 10.45
CA ILE A 51 2.74 -10.60 11.85
C ILE A 51 1.43 -10.13 12.53
N ASN A 52 0.83 -10.99 13.35
CA ASN A 52 -0.37 -10.65 14.09
C ASN A 52 0.10 -10.23 15.46
N PRO A 53 -0.02 -8.96 15.86
CA PRO A 53 0.45 -8.56 17.20
C PRO A 53 -0.32 -9.18 18.38
N GLY A 54 -1.54 -9.66 18.14
CA GLY A 54 -2.34 -10.28 19.20
C GLY A 54 -1.80 -11.61 19.68
N ASN A 55 -1.47 -12.53 18.74
CA ASN A 55 -0.93 -13.84 19.13
C ASN A 55 0.55 -14.00 18.71
N VAL A 56 1.20 -12.94 18.18
CA VAL A 56 2.61 -12.93 17.74
C VAL A 56 2.90 -13.97 16.63
N ARG A 57 1.86 -14.44 15.93
CA ARG A 57 2.02 -15.40 14.86
C ARG A 57 2.54 -14.70 13.56
N THR A 58 3.53 -15.31 12.89
CA THR A 58 4.10 -14.76 11.70
C THR A 58 3.96 -15.70 10.50
N ASN A 59 3.90 -15.14 9.29
CA ASN A 59 3.87 -15.92 8.05
C ASN A 59 4.76 -15.19 7.12
N TYR A 60 5.82 -15.84 6.67
CA TYR A 60 6.76 -15.23 5.76
C TYR A 60 6.61 -15.80 4.38
N ASN A 61 6.94 -15.00 3.38
CA ASN A 61 7.10 -15.46 2.01
C ASN A 61 8.26 -16.49 2.05
N GLU A 62 8.11 -17.65 1.42
CA GLU A 62 9.13 -18.69 1.39
C GLU A 62 10.50 -18.15 0.92
N ASN A 63 10.47 -17.14 0.06
CA ASN A 63 11.63 -16.44 -0.47
C ASN A 63 12.37 -15.61 0.57
N PHE A 64 11.76 -15.31 1.72
CA PHE A 64 12.38 -14.53 2.76
C PHE A 64 12.56 -15.30 4.08
N ARG A 65 12.22 -16.60 4.10
CA ARG A 65 12.36 -17.48 5.28
C ARG A 65 13.84 -17.50 5.72
N ASN A 66 14.10 -17.19 7.00
CA ASN A 66 15.46 -17.12 7.57
C ASN A 66 16.27 -15.88 7.10
N LYS A 67 15.67 -14.99 6.31
CA LYS A 67 16.29 -13.70 5.97
C LYS A 67 15.52 -12.64 6.82
N VAL A 68 14.17 -12.77 6.87
CA VAL A 68 13.32 -11.87 7.62
C VAL A 68 12.78 -12.54 8.88
N THR A 69 12.72 -11.77 9.95
CA THR A 69 12.16 -12.17 11.23
C THR A 69 11.30 -11.01 11.67
N MET A 70 10.01 -11.25 11.98
CA MET A 70 9.12 -10.18 12.40
C MET A 70 8.80 -10.25 13.86
N THR A 71 8.72 -9.10 14.51
CA THR A 71 8.51 -9.02 15.96
C THR A 71 7.55 -7.84 16.33
N VAL A 72 7.01 -7.84 17.54
CA VAL A 72 6.12 -6.78 18.03
C VAL A 72 6.42 -6.45 19.50
N ASP A 73 6.15 -5.21 19.87
CA ASP A 73 6.20 -4.72 21.23
C ASP A 73 4.87 -3.99 21.37
N THR A 74 3.82 -4.75 21.72
CA THR A 74 2.47 -4.22 21.87
C THR A 74 2.36 -3.11 22.91
N SER A 75 3.32 -3.00 23.86
CA SER A 75 3.26 -1.95 24.87
C SER A 75 3.56 -0.55 24.32
N ILE A 76 4.25 -0.47 23.18
CA ILE A 76 4.56 0.80 22.50
C ILE A 76 3.99 0.82 21.05
N SER A 77 3.08 -0.13 20.72
CA SER A 77 2.44 -0.30 19.43
C SER A 77 3.45 -0.34 18.27
N THR A 78 4.56 -1.07 18.45
CA THR A 78 5.58 -1.13 17.40
C THR A 78 5.82 -2.52 16.87
N ALA A 79 5.89 -2.61 15.54
CA ALA A 79 6.22 -3.82 14.80
C ALA A 79 7.67 -3.68 14.29
N TYR A 80 8.42 -4.77 14.31
CA TYR A 80 9.82 -4.78 13.90
C TYR A 80 10.07 -5.78 12.80
N MET A 81 10.88 -5.40 11.80
CA MET A 81 11.30 -6.32 10.76
C MET A 81 12.78 -6.35 10.87
N GLU A 82 13.31 -7.53 11.03
CA GLU A 82 14.72 -7.72 11.13
C GLU A 82 15.22 -8.50 9.94
N LEU A 83 16.29 -8.02 9.34
CA LEU A 83 16.95 -8.70 8.24
C LEU A 83 18.32 -9.12 8.70
N SER A 84 18.71 -10.34 8.43
CA SER A 84 20.01 -10.84 8.80
C SER A 84 20.86 -11.19 7.56
N ARG A 85 22.20 -11.36 7.75
CA ARG A 85 23.18 -11.68 6.70
C ARG A 85 23.01 -10.76 5.51
N LEU A 86 23.06 -9.46 5.77
CA LEU A 86 22.81 -8.45 4.78
C LEU A 86 23.76 -8.52 3.59
N ARG A 87 23.25 -8.25 2.39
CA ARG A 87 23.97 -8.23 1.11
C ARG A 87 23.36 -7.11 0.28
N SER A 88 24.05 -6.68 -0.79
CA SER A 88 23.54 -5.60 -1.63
C SER A 88 22.17 -5.89 -2.22
N ASP A 89 21.78 -7.16 -2.34
CA ASP A 89 20.45 -7.54 -2.82
C ASP A 89 19.36 -7.17 -1.78
N ASP A 90 19.73 -6.95 -0.51
CA ASP A 90 18.82 -6.52 0.52
C ASP A 90 18.63 -5.00 0.51
N THR A 91 19.44 -4.23 -0.24
CA THR A 91 19.27 -2.78 -0.32
C THR A 91 17.92 -2.48 -0.98
N ALA A 92 17.05 -1.78 -0.25
CA ALA A 92 15.68 -1.51 -0.68
C ALA A 92 15.01 -0.54 0.31
N VAL A 93 13.89 0.05 -0.12
CA VAL A 93 13.02 0.77 0.75
C VAL A 93 12.07 -0.34 1.25
N TYR A 94 11.91 -0.46 2.58
CA TYR A 94 11.00 -1.44 3.14
C TYR A 94 9.79 -0.65 3.70
N TYR A 95 8.57 -1.13 3.42
CA TYR A 95 7.38 -0.48 3.95
C TYR A 95 6.64 -1.41 4.89
N CYS A 96 6.01 -0.87 5.91
CA CYS A 96 5.07 -1.60 6.72
C CYS A 96 3.66 -1.12 6.30
N THR A 97 2.72 -2.03 6.37
CA THR A 97 1.34 -1.80 6.01
C THR A 97 0.48 -2.62 6.95
N VAL A 98 -0.82 -2.31 7.02
CA VAL A 98 -1.71 -2.97 7.97
C VAL A 98 -2.98 -3.48 7.29
N VAL A 99 -3.50 -4.62 7.73
CA VAL A 99 -4.74 -5.17 7.17
C VAL A 99 -5.75 -5.30 8.29
N PHE A 100 -7.00 -4.94 8.00
CA PHE A 100 -8.08 -5.02 8.98
C PHE A 100 -9.02 -6.16 8.65
N TYR A 101 -9.60 -6.75 9.68
CA TYR A 101 -10.53 -7.88 9.54
C TYR A 101 -11.66 -7.60 8.56
N GLY A 102 -11.83 -8.48 7.58
CA GLY A 102 -12.89 -8.33 6.58
C GLY A 102 -12.60 -7.31 5.49
N GLU A 103 -11.36 -6.76 5.46
CA GLU A 103 -10.94 -5.75 4.50
C GLU A 103 -9.58 -6.15 3.93
N PRO A 104 -9.59 -7.21 3.06
CA PRO A 104 -8.32 -7.80 2.60
C PRO A 104 -7.57 -7.02 1.50
N TYR A 105 -6.95 -5.90 1.91
CA TYR A 105 -6.18 -4.97 1.09
C TYR A 105 -5.34 -4.05 2.02
N PHE A 106 -4.46 -3.23 1.44
CA PHE A 106 -3.56 -2.36 2.22
C PHE A 106 -3.95 -0.89 2.12
N PRO A 107 -4.82 -0.42 3.02
CA PRO A 107 -5.26 0.98 2.93
C PRO A 107 -4.27 1.98 3.53
N TYR A 108 -3.40 1.56 4.46
CA TYR A 108 -2.43 2.46 5.08
C TYR A 108 -1.01 1.93 5.03
N TRP A 109 -0.05 2.82 4.74
CA TRP A 109 1.35 2.44 4.62
C TRP A 109 2.26 3.39 5.38
N GLY A 110 3.43 2.89 5.79
CA GLY A 110 4.43 3.74 6.42
C GLY A 110 5.15 4.56 5.34
N GLN A 111 5.97 5.54 5.74
CA GLN A 111 6.70 6.39 4.80
C GLN A 111 7.84 5.66 4.06
N GLY A 112 8.28 4.52 4.60
CA GLY A 112 9.36 3.72 4.04
C GLY A 112 10.66 3.88 4.79
N THR A 113 11.53 2.89 4.72
CA THR A 113 12.85 2.95 5.37
C THR A 113 13.87 2.42 4.39
N LEU A 114 14.83 3.25 3.98
CA LEU A 114 15.87 2.81 3.07
C LEU A 114 16.99 2.14 3.85
N VAL A 115 17.23 0.87 3.57
CA VAL A 115 18.32 0.14 4.16
C VAL A 115 19.35 -0.02 3.01
N THR A 116 20.54 0.55 3.18
CA THR A 116 21.59 0.45 2.19
C THR A 116 22.61 -0.52 2.73
N VAL A 117 23.01 -1.50 1.91
CA VAL A 117 24.01 -2.45 2.35
C VAL A 117 25.28 -2.14 1.61
N SER A 118 26.31 -1.73 2.36
CA SER A 118 27.55 -1.35 1.75
C SER A 118 28.73 -1.48 2.72
N SER A 119 29.90 -1.75 2.14
CA SER A 119 31.16 -1.81 2.87
C SER A 119 31.73 -0.41 3.07
N ALA A 120 31.27 0.58 2.27
CA ALA A 120 31.73 1.96 2.31
C ALA A 120 31.32 2.61 3.60
N SER A 121 32.18 3.49 4.09
CA SER A 121 31.94 4.17 5.35
C SER A 121 30.96 5.33 5.20
N THR A 122 30.19 5.59 6.25
CA THR A 122 29.26 6.70 6.33
C THR A 122 30.05 8.03 6.20
N LYS A 123 29.43 9.08 5.67
CA LYS A 123 30.06 10.38 5.53
C LYS A 123 28.99 11.45 5.41
N GLY A 124 29.05 12.44 6.29
CA GLY A 124 28.10 13.55 6.27
C GLY A 124 28.38 14.48 5.09
N PRO A 125 27.35 15.13 4.56
CA PRO A 125 27.56 16.00 3.41
C PRO A 125 28.12 17.39 3.73
N SER A 126 28.66 18.04 2.70
CA SER A 126 29.13 19.41 2.75
C SER A 126 28.10 20.20 1.94
N VAL A 127 27.43 21.17 2.55
CA VAL A 127 26.40 21.95 1.84
C VAL A 127 26.99 23.27 1.34
N PHE A 128 26.83 23.56 0.03
CA PHE A 128 27.36 24.77 -0.58
C PHE A 128 26.27 25.52 -1.29
N PRO A 129 26.29 26.86 -1.25
CA PRO A 129 25.25 27.61 -1.95
C PRO A 129 25.46 27.66 -3.46
N LEU A 130 24.36 27.68 -4.20
CA LEU A 130 24.36 27.86 -5.64
C LEU A 130 23.75 29.25 -5.76
N ALA A 131 24.62 30.28 -5.67
CA ALA A 131 24.25 31.70 -5.63
C ALA A 131 23.61 32.29 -6.91
N PRO A 132 22.47 32.97 -6.76
CA PRO A 132 21.84 33.61 -7.93
C PRO A 132 22.64 34.82 -8.46
N SER A 133 22.35 35.23 -9.71
CA SER A 133 23.06 36.35 -10.34
C SER A 133 22.11 37.48 -10.70
N GLY A 139 16.53 38.98 -14.69
CA GLY A 139 15.41 39.42 -15.51
C GLY A 139 14.22 38.48 -15.49
N GLY A 140 13.19 38.86 -14.74
CA GLY A 140 11.96 38.07 -14.62
C GLY A 140 11.98 37.11 -13.44
N THR A 141 12.72 36.00 -13.57
CA THR A 141 12.79 34.98 -12.52
C THR A 141 14.24 34.62 -12.22
N ALA A 142 14.57 34.45 -10.93
CA ALA A 142 15.92 34.07 -10.53
C ALA A 142 15.93 32.65 -9.95
N ALA A 143 17.04 31.94 -10.10
CA ALA A 143 17.16 30.60 -9.55
C ALA A 143 18.26 30.58 -8.49
N LEU A 144 18.05 29.79 -7.45
CA LEU A 144 19.08 29.57 -6.43
C LEU A 144 19.02 28.12 -5.92
N GLY A 145 20.05 27.67 -5.21
CA GLY A 145 20.05 26.31 -4.71
C GLY A 145 21.09 25.95 -3.67
N CYS A 146 21.20 24.64 -3.45
CA CYS A 146 22.14 24.05 -2.51
C CYS A 146 22.73 22.85 -3.13
N LEU A 147 24.04 22.74 -3.08
CA LEU A 147 24.74 21.58 -3.56
C LEU A 147 25.14 20.78 -2.33
N VAL A 148 24.50 19.63 -2.15
CA VAL A 148 24.75 18.73 -1.01
C VAL A 148 25.74 17.69 -1.53
N LYS A 149 27.02 17.89 -1.22
CA LYS A 149 28.06 17.05 -1.80
C LYS A 149 28.76 16.13 -0.82
N ASP A 150 29.23 14.97 -1.34
CA ASP A 150 30.02 13.95 -0.66
C ASP A 150 29.35 13.34 0.56
N TYR A 151 28.19 12.69 0.37
CA TYR A 151 27.55 12.00 1.47
C TYR A 151 27.33 10.51 1.21
N PHE A 152 27.19 9.73 2.29
CA PHE A 152 26.94 8.30 2.23
C PHE A 152 26.40 7.83 3.57
N PRO A 153 25.31 7.05 3.61
CA PRO A 153 24.52 6.56 2.47
C PRO A 153 23.37 7.53 2.11
N GLU A 154 22.40 7.05 1.32
CA GLU A 154 21.22 7.81 1.02
C GLU A 154 20.19 7.53 2.15
N PRO A 155 19.25 8.44 2.38
CA PRO A 155 18.98 9.66 1.62
C PRO A 155 19.37 10.96 2.36
N VAL A 156 19.11 12.10 1.74
CA VAL A 156 19.16 13.40 2.38
C VAL A 156 17.81 14.04 2.12
N THR A 157 17.28 14.76 3.10
CA THR A 157 16.05 15.49 2.90
C THR A 157 16.42 16.94 2.77
N VAL A 158 15.86 17.61 1.76
CA VAL A 158 16.13 19.03 1.56
C VAL A 158 14.86 19.82 1.58
N SER A 159 14.70 20.65 2.60
CA SER A 159 13.55 21.56 2.65
C SER A 159 14.05 23.01 2.47
N TRP A 160 13.13 23.95 2.23
CA TRP A 160 13.51 25.33 2.03
C TRP A 160 12.69 26.22 2.92
N ASN A 161 13.38 27.10 3.66
CA ASN A 161 12.78 28.04 4.60
C ASN A 161 11.92 27.31 5.63
N SER A 162 12.49 26.21 6.17
CA SER A 162 11.87 25.32 7.14
C SER A 162 10.54 24.73 6.67
N GLY A 163 10.43 24.50 5.38
CA GLY A 163 9.23 23.94 4.78
C GLY A 163 8.24 24.97 4.27
N ALA A 164 8.43 26.25 4.61
CA ALA A 164 7.51 27.29 4.14
C ALA A 164 7.60 27.53 2.62
N LEU A 165 8.76 27.23 2.01
CA LEU A 165 8.96 27.40 0.57
C LEU A 165 8.93 26.04 -0.18
N THR A 166 7.86 25.79 -0.95
CA THR A 166 7.69 24.55 -1.73
C THR A 166 7.43 24.80 -3.22
N SER A 167 6.89 25.97 -3.55
CA SER A 167 6.58 26.36 -4.91
C SER A 167 7.90 26.64 -5.64
N GLY A 168 8.11 25.96 -6.77
CA GLY A 168 9.29 26.13 -7.59
C GLY A 168 10.50 25.31 -7.19
N VAL A 169 10.36 24.44 -6.18
CA VAL A 169 11.47 23.62 -5.67
C VAL A 169 11.70 22.34 -6.48
N HIS A 170 12.94 22.09 -6.93
CA HIS A 170 13.32 20.84 -7.57
C HIS A 170 14.51 20.23 -6.86
N THR A 171 14.27 19.15 -6.10
CA THR A 171 15.36 18.41 -5.46
C THR A 171 15.68 17.23 -6.38
N PHE A 172 16.89 17.22 -6.92
CA PHE A 172 17.28 16.22 -7.89
C PHE A 172 17.59 14.88 -7.27
N PRO A 173 17.39 13.79 -8.03
CA PRO A 173 17.80 12.47 -7.52
C PRO A 173 19.31 12.47 -7.31
N ALA A 174 19.79 11.88 -6.21
CA ALA A 174 21.22 11.83 -5.94
C ALA A 174 21.97 11.08 -7.02
N VAL A 175 23.19 11.50 -7.28
CA VAL A 175 24.05 10.82 -8.24
C VAL A 175 25.26 10.31 -7.51
N LEU A 176 25.64 9.07 -7.81
CA LEU A 176 26.82 8.50 -7.22
C LEU A 176 27.96 8.96 -8.09
N GLN A 177 28.86 9.75 -7.50
CA GLN A 177 30.03 10.29 -8.19
C GLN A 177 31.10 9.20 -8.35
N SER A 178 32.13 9.49 -9.17
CA SER A 178 33.31 8.67 -9.39
C SER A 178 33.92 8.17 -8.07
N SER A 179 33.97 9.05 -7.06
CA SER A 179 34.51 8.75 -5.74
C SER A 179 33.77 7.69 -4.95
N GLY A 180 32.53 7.42 -5.31
CA GLY A 180 31.71 6.46 -4.58
C GLY A 180 30.84 7.13 -3.51
N LEU A 181 30.84 8.47 -3.48
CA LEU A 181 30.00 9.26 -2.58
C LEU A 181 28.89 9.92 -3.41
N TYR A 182 27.75 10.19 -2.78
CA TYR A 182 26.62 10.81 -3.45
C TYR A 182 26.72 12.31 -3.48
N SER A 183 26.16 12.89 -4.51
CA SER A 183 26.04 14.32 -4.66
C SER A 183 24.59 14.60 -5.10
N LEU A 184 23.99 15.64 -4.52
CA LEU A 184 22.61 16.01 -4.82
C LEU A 184 22.52 17.53 -4.91
N SER A 185 21.71 18.02 -5.82
CA SER A 185 21.44 19.44 -5.92
C SER A 185 19.97 19.69 -5.67
N SER A 186 19.66 20.76 -4.94
CA SER A 186 18.28 21.16 -4.72
C SER A 186 18.17 22.61 -5.18
N VAL A 187 17.22 22.92 -6.05
CA VAL A 187 17.06 24.29 -6.55
C VAL A 187 15.66 24.83 -6.35
N VAL A 188 15.50 26.15 -6.43
CA VAL A 188 14.23 26.84 -6.34
C VAL A 188 14.28 28.10 -7.21
N THR A 189 13.19 28.35 -7.93
CA THR A 189 13.07 29.56 -8.73
C THR A 189 12.12 30.47 -7.99
N VAL A 190 12.54 31.70 -7.76
CA VAL A 190 11.77 32.71 -7.06
C VAL A 190 11.73 33.99 -7.95
N PRO A 191 10.74 34.89 -7.76
CA PRO A 191 10.76 36.15 -8.53
C PRO A 191 12.06 36.94 -8.23
N SER A 192 12.66 37.57 -9.25
CA SER A 192 13.89 38.35 -9.08
C SER A 192 13.73 39.46 -8.02
N SER A 193 12.53 40.03 -7.92
CA SER A 193 12.22 41.09 -6.95
C SER A 193 12.29 40.62 -5.49
N SER A 194 12.11 39.31 -5.25
CA SER A 194 12.15 38.77 -3.91
C SER A 194 13.56 38.45 -3.42
N LEU A 195 14.60 38.69 -4.23
CA LEU A 195 15.98 38.40 -3.85
C LEU A 195 16.43 39.25 -2.68
N GLY A 196 16.03 40.52 -2.67
CA GLY A 196 16.40 41.43 -1.60
C GLY A 196 15.46 41.35 -0.41
N THR A 197 14.17 41.12 -0.69
CA THR A 197 13.13 41.10 0.34
C THR A 197 13.05 39.76 1.12
N GLN A 198 13.45 38.64 0.49
CA GLN A 198 13.37 37.34 1.16
C GLN A 198 14.71 36.67 1.41
N THR A 199 14.78 35.96 2.55
CA THR A 199 15.92 35.18 2.99
C THR A 199 15.71 33.73 2.52
N TYR A 200 16.77 33.06 2.07
CA TYR A 200 16.64 31.69 1.59
C TYR A 200 17.58 30.75 2.31
N ILE A 201 17.01 29.77 3.01
CA ILE A 201 17.82 28.81 3.75
C ILE A 201 17.43 27.41 3.35
N CYS A 202 18.40 26.60 2.91
CA CYS A 202 18.10 25.21 2.62
C CYS A 202 18.40 24.39 3.87
N ASN A 203 17.46 23.56 4.24
CA ASN A 203 17.55 22.74 5.43
C ASN A 203 17.84 21.33 4.98
N VAL A 204 19.11 20.97 5.03
CA VAL A 204 19.61 19.67 4.64
C VAL A 204 19.61 18.79 5.86
N ASN A 205 19.14 17.54 5.71
CA ASN A 205 19.10 16.61 6.82
C ASN A 205 19.59 15.27 6.36
N HIS A 206 20.67 14.80 6.92
CA HIS A 206 21.23 13.50 6.61
C HIS A 206 21.21 12.73 7.92
N LYS A 207 20.04 12.14 8.24
CA LYS A 207 19.79 11.41 9.49
C LYS A 207 20.78 10.26 9.77
N PRO A 208 21.34 9.51 8.78
CA PRO A 208 22.33 8.47 9.14
C PRO A 208 23.53 8.99 9.91
N SER A 209 23.98 10.22 9.62
CA SER A 209 25.12 10.81 10.34
C SER A 209 24.72 11.97 11.28
N ASN A 210 23.42 12.07 11.63
CA ASN A 210 22.83 13.11 12.48
C ASN A 210 23.13 14.55 12.01
N THR A 211 23.57 14.70 10.74
CA THR A 211 23.98 15.95 10.13
C THR A 211 22.81 16.82 9.75
N LYS A 212 22.69 17.99 10.37
CA LYS A 212 21.63 18.95 10.07
C LYS A 212 22.31 20.26 9.70
N VAL A 213 22.12 20.73 8.46
CA VAL A 213 22.75 21.96 8.01
C VAL A 213 21.72 22.94 7.49
N ASP A 214 21.74 24.17 7.97
CA ASP A 214 20.85 25.21 7.51
C ASP A 214 21.73 26.22 6.78
N LYS A 215 21.69 26.19 5.44
CA LYS A 215 22.56 27.04 4.64
C LYS A 215 21.87 28.24 4.00
N ARG A 216 22.38 29.44 4.30
CA ARG A 216 21.89 30.68 3.70
C ARG A 216 22.40 30.84 2.26
N VAL A 217 21.46 31.02 1.32
CA VAL A 217 21.74 31.13 -0.10
C VAL A 217 21.48 32.53 -0.55
N GLU A 218 22.54 33.29 -0.76
CA GLU A 218 22.45 34.71 -1.08
C GLU A 218 23.02 35.03 -2.43
N PRO A 219 22.43 36.03 -3.12
CA PRO A 219 22.98 36.44 -4.42
C PRO A 219 24.31 37.16 -4.24
N LYS A 220 25.33 36.78 -5.05
CA LYS A 220 26.65 37.42 -4.96
C LYS A 220 26.64 38.82 -5.59
N GLN B 1 2.45 -19.96 -6.39
CA GLN B 1 2.38 -18.51 -6.31
C GLN B 1 1.54 -17.94 -7.46
N ILE B 2 0.51 -17.11 -7.16
CA ILE B 2 -0.31 -16.54 -8.22
C ILE B 2 0.47 -15.44 -8.88
N VAL B 3 0.77 -15.62 -10.14
CA VAL B 3 1.53 -14.65 -10.91
C VAL B 3 0.59 -13.64 -11.52
N LEU B 4 0.92 -12.36 -11.42
CA LEU B 4 0.13 -11.32 -12.03
C LEU B 4 0.98 -10.70 -13.11
N THR B 5 0.52 -10.82 -14.35
CA THR B 5 1.19 -10.34 -15.54
C THR B 5 0.51 -9.05 -15.95
N GLN B 6 1.17 -7.93 -15.67
CA GLN B 6 0.64 -6.60 -15.93
C GLN B 6 1.14 -6.03 -17.26
N SER B 7 0.24 -5.41 -18.01
CA SER B 7 0.58 -4.85 -19.31
C SER B 7 -0.24 -3.60 -19.60
N PRO B 8 0.31 -2.61 -20.32
CA PRO B 8 1.71 -2.49 -20.77
C PRO B 8 2.66 -2.11 -19.62
N GLY B 9 3.96 -2.24 -19.85
CA GLY B 9 4.96 -1.90 -18.85
C GLY B 9 5.08 -0.39 -18.68
N THR B 10 4.97 0.30 -19.79
CA THR B 10 5.01 1.75 -19.82
C THR B 10 3.95 2.23 -20.81
N LEU B 11 3.34 3.37 -20.51
CA LEU B 11 2.26 3.92 -21.30
C LEU B 11 2.48 5.42 -21.42
N SER B 12 2.54 5.95 -22.65
CA SER B 12 2.78 7.37 -22.89
C SER B 12 1.57 7.99 -23.56
N LEU B 13 0.82 8.85 -22.84
CA LEU B 13 -0.39 9.45 -23.42
C LEU B 13 -0.60 10.92 -23.08
N SER B 14 -1.29 11.64 -23.98
CA SER B 14 -1.64 13.06 -23.86
C SER B 14 -2.82 13.25 -22.89
N PRO B 15 -2.97 14.41 -22.20
CA PRO B 15 -4.10 14.56 -21.28
C PRO B 15 -5.42 14.60 -22.02
N GLY B 16 -6.40 13.87 -21.53
CA GLY B 16 -7.69 13.75 -22.18
C GLY B 16 -7.87 12.40 -22.85
N GLU B 17 -6.76 11.67 -23.12
CA GLU B 17 -6.80 10.34 -23.71
C GLU B 17 -7.23 9.26 -22.71
N ARG B 18 -7.57 8.07 -23.20
CA ARG B 18 -7.95 6.95 -22.34
C ARG B 18 -6.74 6.09 -22.03
N ALA B 19 -6.51 5.84 -20.75
CA ALA B 19 -5.42 4.98 -20.32
C ALA B 19 -6.00 3.64 -19.94
N THR B 20 -5.44 2.57 -20.48
CA THR B 20 -5.93 1.23 -20.17
C THR B 20 -4.77 0.33 -19.79
N MET B 21 -4.87 -0.30 -18.63
CA MET B 21 -3.87 -1.28 -18.23
C MET B 21 -4.54 -2.54 -17.76
N THR B 22 -4.02 -3.68 -18.20
CA THR B 22 -4.56 -4.98 -17.86
C THR B 22 -3.62 -5.73 -16.91
N CYS B 23 -4.19 -6.67 -16.18
CA CYS B 23 -3.46 -7.51 -15.27
C CYS B 23 -4.06 -8.91 -15.44
N THR B 24 -3.21 -9.89 -15.69
CA THR B 24 -3.64 -11.26 -15.86
C THR B 24 -3.11 -12.17 -14.74
N ALA B 25 -3.99 -12.88 -14.04
CA ALA B 25 -3.59 -13.78 -12.96
C ALA B 25 -3.42 -15.22 -13.46
N SER B 26 -2.43 -15.96 -12.93
CA SER B 26 -2.22 -17.36 -13.33
C SER B 26 -3.38 -18.26 -12.85
N SER B 27 -3.97 -17.94 -11.70
CA SER B 27 -5.11 -18.65 -11.13
C SER B 27 -6.20 -17.62 -10.81
N SER B 28 -7.46 -18.06 -10.71
CA SER B 28 -8.59 -17.17 -10.42
C SER B 28 -8.48 -16.47 -9.07
N VAL B 29 -8.75 -15.16 -9.06
CA VAL B 29 -8.75 -14.33 -7.88
C VAL B 29 -10.19 -13.85 -7.67
N SER B 30 -10.72 -13.97 -6.44
CA SER B 30 -12.08 -13.49 -6.17
C SER B 30 -12.07 -11.97 -6.25
N SER B 31 -13.19 -11.38 -6.71
CA SER B 31 -13.31 -9.95 -6.87
C SER B 31 -12.90 -9.14 -5.63
N SER B 32 -13.16 -9.66 -4.40
CA SER B 32 -12.80 -8.98 -3.14
C SER B 32 -11.31 -8.90 -2.87
N TYR B 33 -10.53 -9.77 -3.50
CA TYR B 33 -9.10 -9.84 -3.25
C TYR B 33 -8.23 -9.19 -4.33
N PHE B 34 -8.80 -8.54 -5.35
CA PHE B 34 -8.00 -7.94 -6.42
C PHE B 34 -7.96 -6.40 -6.29
N HIS B 35 -6.76 -5.79 -6.26
CA HIS B 35 -6.65 -4.34 -6.03
C HIS B 35 -5.63 -3.65 -6.90
N TRP B 36 -5.70 -2.32 -6.98
CA TRP B 36 -4.74 -1.50 -7.70
C TRP B 36 -4.22 -0.43 -6.75
N TYR B 37 -2.92 -0.11 -6.88
CA TYR B 37 -2.23 0.91 -6.08
C TYR B 37 -1.58 1.93 -7.01
N GLN B 38 -1.51 3.18 -6.57
CA GLN B 38 -0.83 4.21 -7.32
C GLN B 38 0.44 4.57 -6.55
N GLN B 39 1.58 4.65 -7.24
CA GLN B 39 2.82 5.03 -6.60
C GLN B 39 3.52 6.13 -7.36
N LYS B 40 3.86 7.22 -6.66
CA LYS B 40 4.61 8.34 -7.21
C LYS B 40 6.04 8.29 -6.67
N PRO B 41 7.05 8.82 -7.40
CA PRO B 41 8.44 8.69 -6.92
C PRO B 41 8.70 9.25 -5.53
N GLY B 42 9.47 8.51 -4.73
CA GLY B 42 9.82 8.87 -3.37
C GLY B 42 8.67 8.76 -2.38
N GLN B 43 7.55 8.12 -2.78
CA GLN B 43 6.37 7.97 -1.93
C GLN B 43 5.94 6.51 -1.84
N ALA B 44 5.25 6.15 -0.76
CA ALA B 44 4.71 4.81 -0.57
C ALA B 44 3.55 4.55 -1.55
N PRO B 45 3.28 3.27 -1.89
CA PRO B 45 2.10 2.99 -2.72
C PRO B 45 0.81 3.40 -1.98
N ARG B 46 -0.16 3.91 -2.72
CA ARG B 46 -1.43 4.38 -2.20
C ARG B 46 -2.51 3.44 -2.70
N LEU B 47 -3.45 2.99 -1.83
CA LEU B 47 -4.60 2.20 -2.30
C LEU B 47 -5.40 3.04 -3.30
N TRP B 48 -5.65 2.50 -4.50
CA TRP B 48 -6.31 3.28 -5.54
C TRP B 48 -7.68 2.71 -5.90
N ILE B 49 -7.72 1.40 -6.15
CA ILE B 49 -8.93 0.66 -6.45
C ILE B 49 -8.90 -0.58 -5.59
N TYR B 50 -9.96 -0.85 -4.85
CA TYR B 50 -10.01 -2.04 -4.01
C TYR B 50 -11.23 -2.88 -4.34
N ARG B 51 -11.15 -4.21 -4.11
CA ARG B 51 -12.21 -5.14 -4.45
C ARG B 51 -12.62 -5.02 -5.93
N THR B 52 -11.61 -5.01 -6.85
CA THR B 52 -11.72 -4.97 -8.32
C THR B 52 -12.22 -3.63 -8.90
N SER B 53 -13.27 -3.04 -8.32
CA SER B 53 -13.86 -1.83 -8.90
C SER B 53 -14.25 -0.69 -7.96
N ARG B 54 -13.93 -0.77 -6.65
CA ARG B 54 -14.30 0.32 -5.73
C ARG B 54 -13.17 1.34 -5.69
N LEU B 55 -13.49 2.63 -5.65
CA LEU B 55 -12.47 3.68 -5.62
C LEU B 55 -12.12 3.99 -4.19
N ALA B 56 -10.83 3.96 -3.86
CA ALA B 56 -10.36 4.27 -2.53
C ALA B 56 -10.49 5.79 -2.24
N SER B 57 -10.38 6.18 -0.95
CA SER B 57 -10.48 7.58 -0.54
C SER B 57 -9.63 8.56 -1.37
N GLY B 58 -10.29 9.58 -1.90
CA GLY B 58 -9.63 10.61 -2.70
C GLY B 58 -9.41 10.28 -4.16
N VAL B 59 -9.80 9.08 -4.59
CA VAL B 59 -9.59 8.68 -5.98
C VAL B 59 -10.66 9.25 -6.87
N PRO B 60 -10.26 10.00 -7.91
CA PRO B 60 -11.26 10.61 -8.80
C PRO B 60 -12.08 9.60 -9.60
N ASP B 61 -13.27 10.03 -10.02
CA ASP B 61 -14.24 9.27 -10.81
C ASP B 61 -13.70 8.88 -12.20
N ARG B 62 -12.68 9.60 -12.71
CA ARG B 62 -12.08 9.27 -14.00
C ARG B 62 -11.34 7.91 -13.99
N PHE B 63 -11.15 7.31 -12.81
CA PHE B 63 -10.54 5.99 -12.66
C PHE B 63 -11.66 4.96 -12.45
N SER B 64 -11.50 3.79 -13.04
CA SER B 64 -12.44 2.70 -12.87
C SER B 64 -11.71 1.38 -13.00
N GLY B 65 -12.16 0.40 -12.24
CA GLY B 65 -11.59 -0.93 -12.28
C GLY B 65 -12.64 -1.93 -12.70
N SER B 66 -12.24 -2.93 -13.46
CA SER B 66 -13.14 -3.98 -13.89
C SER B 66 -12.37 -5.30 -13.94
N GLY B 67 -13.07 -6.40 -14.17
CA GLY B 67 -12.43 -7.69 -14.30
C GLY B 67 -13.08 -8.79 -13.50
N SER B 68 -12.73 -10.02 -13.84
CA SER B 68 -13.24 -11.20 -13.16
C SER B 68 -12.29 -12.36 -13.38
N GLY B 69 -12.28 -13.29 -12.44
CA GLY B 69 -11.48 -14.51 -12.52
C GLY B 69 -9.99 -14.30 -12.66
N THR B 70 -9.50 -14.25 -13.90
CA THR B 70 -8.07 -14.08 -14.15
C THR B 70 -7.75 -12.83 -14.98
N ASP B 71 -8.74 -12.13 -15.54
CA ASP B 71 -8.46 -10.94 -16.37
C ASP B 71 -9.03 -9.67 -15.74
N PHE B 72 -8.17 -8.72 -15.36
CA PHE B 72 -8.60 -7.48 -14.72
C PHE B 72 -8.09 -6.23 -15.43
N THR B 73 -8.78 -5.09 -15.29
CA THR B 73 -8.43 -3.88 -16.03
C THR B 73 -8.58 -2.60 -15.18
N LEU B 74 -7.66 -1.65 -15.37
CA LEU B 74 -7.72 -0.33 -14.74
C LEU B 74 -7.78 0.65 -15.90
N THR B 75 -8.81 1.51 -15.89
CA THR B 75 -9.07 2.51 -16.94
C THR B 75 -9.09 3.93 -16.38
N ILE B 76 -8.44 4.86 -17.08
CA ILE B 76 -8.49 6.29 -16.77
C ILE B 76 -9.14 6.91 -18.02
N SER B 77 -10.41 7.29 -17.92
CA SER B 77 -11.16 7.79 -19.07
C SER B 77 -10.69 9.11 -19.68
N ARG B 78 -10.18 10.06 -18.87
CA ARG B 78 -9.73 11.37 -19.36
C ARG B 78 -8.50 11.81 -18.58
N LEU B 79 -7.31 11.43 -19.03
CA LEU B 79 -6.05 11.73 -18.38
C LEU B 79 -5.83 13.18 -17.90
N GLU B 80 -5.25 13.32 -16.71
CA GLU B 80 -4.87 14.59 -16.10
C GLU B 80 -3.38 14.53 -15.77
N PRO B 81 -2.66 15.68 -15.77
CA PRO B 81 -1.22 15.62 -15.48
C PRO B 81 -0.88 14.89 -14.17
N GLU B 82 -1.74 15.04 -13.16
CA GLU B 82 -1.62 14.40 -11.83
C GLU B 82 -1.60 12.86 -11.87
N ASP B 83 -2.05 12.27 -12.98
CA ASP B 83 -2.09 10.82 -13.14
C ASP B 83 -0.73 10.20 -13.44
N ALA B 84 0.31 11.03 -13.77
CA ALA B 84 1.66 10.51 -13.98
C ALA B 84 2.12 9.84 -12.68
N ALA B 85 2.25 8.50 -12.72
CA ALA B 85 2.55 7.62 -11.59
C ALA B 85 2.77 6.16 -12.13
N THR B 86 3.13 5.21 -11.25
CA THR B 86 3.24 3.80 -11.57
C THR B 86 2.05 3.10 -10.88
N TYR B 87 1.38 2.21 -11.58
CA TYR B 87 0.20 1.54 -11.07
C TYR B 87 0.48 0.06 -10.94
N TYR B 88 0.17 -0.52 -9.78
CA TYR B 88 0.44 -1.93 -9.55
C TYR B 88 -0.83 -2.65 -9.21
N CYS B 89 -1.07 -3.81 -9.85
CA CYS B 89 -2.20 -4.66 -9.46
C CYS B 89 -1.71 -5.55 -8.27
N HIS B 90 -2.62 -6.18 -7.54
CA HIS B 90 -2.29 -6.93 -6.33
C HIS B 90 -3.35 -7.95 -6.04
N GLN B 91 -2.93 -9.15 -5.60
CA GLN B 91 -3.90 -10.17 -5.22
C GLN B 91 -3.76 -10.52 -3.73
N PHE B 92 -4.89 -10.62 -2.99
CA PHE B 92 -4.89 -10.99 -1.57
C PHE B 92 -5.57 -12.35 -1.34
N HIS B 93 -5.64 -13.20 -2.38
CA HIS B 93 -6.28 -14.49 -2.33
C HIS B 93 -5.41 -15.62 -1.79
N ARG B 94 -4.18 -15.79 -2.31
CA ARG B 94 -3.31 -16.88 -1.90
C ARG B 94 -1.93 -16.42 -1.53
N SER B 95 -1.31 -17.12 -0.59
CA SER B 95 0.05 -16.82 -0.16
C SER B 95 1.05 -17.42 -1.19
N PRO B 96 2.16 -16.72 -1.49
CA PRO B 96 2.51 -15.39 -1.00
C PRO B 96 1.78 -14.28 -1.75
N LEU B 97 1.53 -13.12 -1.10
CA LEU B 97 0.92 -11.99 -1.79
C LEU B 97 1.82 -11.53 -2.93
N THR B 98 1.21 -11.21 -4.07
CA THR B 98 1.96 -10.81 -5.24
C THR B 98 1.40 -9.52 -5.84
N PHE B 99 2.26 -8.83 -6.58
CA PHE B 99 1.95 -7.62 -7.28
C PHE B 99 2.40 -7.78 -8.73
N GLY B 100 1.77 -7.02 -9.61
CA GLY B 100 2.19 -6.96 -11.00
C GLY B 100 3.46 -6.14 -11.06
N ALA B 101 4.27 -6.30 -12.12
CA ALA B 101 5.51 -5.54 -12.26
C ALA B 101 5.30 -4.00 -12.40
N GLY B 102 4.08 -3.57 -12.68
CA GLY B 102 3.74 -2.16 -12.78
C GLY B 102 3.52 -1.58 -14.18
N THR B 103 2.80 -0.48 -14.23
CA THR B 103 2.57 0.24 -15.48
C THR B 103 2.93 1.69 -15.19
N LYS B 104 4.01 2.20 -15.79
CA LYS B 104 4.39 3.59 -15.57
C LYS B 104 3.65 4.44 -16.59
N LEU B 105 2.92 5.42 -16.10
CA LEU B 105 2.15 6.29 -16.97
C LEU B 105 2.84 7.63 -17.13
N GLU B 106 3.26 7.92 -18.35
CA GLU B 106 3.91 9.19 -18.69
C GLU B 106 2.90 10.11 -19.38
N ILE B 107 2.94 11.42 -19.04
CA ILE B 107 2.02 12.41 -19.60
C ILE B 107 2.67 13.29 -20.65
N LYS B 108 2.14 13.25 -21.88
CA LYS B 108 2.66 14.05 -22.98
C LYS B 108 2.17 15.50 -22.89
N ARG B 109 2.96 16.43 -23.43
CA ARG B 109 2.63 17.86 -23.40
C ARG B 109 3.36 18.63 -24.51
N THR B 110 3.05 19.93 -24.69
CA THR B 110 3.77 20.73 -25.68
C THR B 110 5.23 20.86 -25.29
N VAL B 111 6.09 21.09 -26.27
CA VAL B 111 7.51 21.35 -26.07
C VAL B 111 7.65 22.68 -25.29
N ALA B 112 8.54 22.69 -24.33
CA ALA B 112 8.81 23.87 -23.52
C ALA B 112 10.32 23.95 -23.41
N ALA B 113 10.93 25.08 -23.80
CA ALA B 113 12.38 25.21 -23.72
C ALA B 113 12.82 25.31 -22.26
N PRO B 114 14.06 24.87 -21.93
CA PRO B 114 14.53 25.03 -20.56
C PRO B 114 15.00 26.45 -20.26
N SER B 115 14.90 26.88 -18.98
CA SER B 115 15.46 28.15 -18.54
C SER B 115 16.83 27.77 -17.97
N VAL B 116 17.91 28.20 -18.62
CA VAL B 116 19.26 27.79 -18.23
C VAL B 116 19.93 28.76 -17.27
N PHE B 117 20.47 28.23 -16.16
CA PHE B 117 21.19 29.01 -15.17
C PHE B 117 22.55 28.39 -14.92
N ILE B 118 23.60 29.23 -14.78
CA ILE B 118 24.92 28.71 -14.46
C ILE B 118 25.30 29.19 -13.05
N PHE B 119 26.01 28.33 -12.32
CA PHE B 119 26.44 28.64 -10.96
C PHE B 119 27.93 28.38 -10.78
N PRO B 120 28.70 29.43 -10.46
CA PRO B 120 30.12 29.22 -10.14
C PRO B 120 30.31 28.51 -8.79
N PRO B 121 31.48 27.89 -8.57
CA PRO B 121 31.72 27.24 -7.28
C PRO B 121 31.76 28.28 -6.16
N SER B 122 31.24 27.95 -4.98
CA SER B 122 31.28 28.88 -3.86
C SER B 122 32.72 29.01 -3.37
N ASP B 123 33.04 30.15 -2.76
CA ASP B 123 34.39 30.35 -2.22
C ASP B 123 34.68 29.39 -1.07
N GLU B 124 33.62 28.97 -0.33
CA GLU B 124 33.72 28.01 0.76
C GLU B 124 34.16 26.65 0.19
N GLN B 125 33.63 26.25 -0.98
CA GLN B 125 34.02 24.99 -1.59
C GLN B 125 35.47 25.03 -2.08
N LEU B 126 35.90 26.13 -2.68
CA LEU B 126 37.26 26.26 -3.16
C LEU B 126 38.31 26.09 -2.07
N LYS B 127 37.94 26.28 -0.79
CA LYS B 127 38.86 26.07 0.31
C LYS B 127 39.14 24.56 0.49
N SER B 128 38.15 23.70 0.20
CA SER B 128 38.33 22.25 0.31
C SER B 128 39.24 21.65 -0.80
N GLY B 129 39.55 22.43 -1.83
CA GLY B 129 40.43 21.97 -2.89
C GLY B 129 39.75 21.47 -4.15
N THR B 130 38.41 21.50 -4.18
CA THR B 130 37.63 21.06 -5.32
C THR B 130 36.62 22.14 -5.74
N ALA B 131 36.21 22.13 -7.02
CA ALA B 131 35.29 23.09 -7.59
C ALA B 131 34.19 22.37 -8.36
N SER B 132 32.93 22.75 -8.13
CA SER B 132 31.80 22.17 -8.81
C SER B 132 31.11 23.30 -9.55
N VAL B 133 30.93 23.16 -10.84
CA VAL B 133 30.24 24.16 -11.63
C VAL B 133 28.91 23.52 -12.00
N VAL B 134 27.81 24.17 -11.61
CA VAL B 134 26.49 23.61 -11.85
C VAL B 134 25.70 24.38 -12.90
N CYS B 135 25.13 23.65 -13.87
CA CYS B 135 24.27 24.18 -14.90
C CYS B 135 22.90 23.59 -14.64
N LEU B 136 21.89 24.44 -14.52
CA LEU B 136 20.50 24.04 -14.30
C LEU B 136 19.68 24.33 -15.56
N LEU B 137 18.88 23.34 -15.97
CA LEU B 137 17.94 23.42 -17.08
C LEU B 137 16.61 23.28 -16.38
N ASN B 138 15.80 24.34 -16.33
CA ASN B 138 14.55 24.30 -15.59
C ASN B 138 13.32 24.21 -16.43
N ASN B 139 12.34 23.41 -15.95
CA ASN B 139 11.01 23.22 -16.51
C ASN B 139 10.96 23.09 -18.03
N PHE B 140 11.53 22.01 -18.57
CA PHE B 140 11.52 21.79 -20.01
C PHE B 140 10.78 20.49 -20.42
N TYR B 141 10.51 20.34 -21.72
CA TYR B 141 9.88 19.17 -22.31
C TYR B 141 10.20 19.15 -23.81
N PRO B 142 10.50 17.98 -24.42
CA PRO B 142 10.69 16.64 -23.80
C PRO B 142 11.97 16.54 -22.97
N ARG B 143 12.10 15.48 -22.14
CA ARG B 143 13.25 15.25 -21.25
C ARG B 143 14.61 15.17 -21.96
N GLU B 144 14.60 14.92 -23.26
CA GLU B 144 15.81 14.81 -24.08
C GLU B 144 16.53 16.16 -24.28
N ALA B 145 17.70 16.32 -23.63
CA ALA B 145 18.49 17.55 -23.73
C ALA B 145 20.00 17.28 -23.80
N LYS B 146 20.75 18.16 -24.51
CA LYS B 146 22.20 18.04 -24.66
C LYS B 146 22.92 19.17 -23.93
N VAL B 147 23.64 18.83 -22.86
CA VAL B 147 24.38 19.80 -22.08
C VAL B 147 25.89 19.65 -22.33
N GLN B 148 26.53 20.72 -22.77
CA GLN B 148 27.97 20.72 -23.06
C GLN B 148 28.69 21.75 -22.17
N TRP B 149 29.90 21.41 -21.70
CA TRP B 149 30.70 22.30 -20.87
C TRP B 149 31.89 22.81 -21.65
N LYS B 150 32.21 24.10 -21.54
CA LYS B 150 33.35 24.69 -22.23
C LYS B 150 34.13 25.58 -21.27
N VAL B 151 35.44 25.34 -21.18
CA VAL B 151 36.30 26.13 -20.31
C VAL B 151 37.30 26.86 -21.20
N ASP B 152 37.13 28.20 -21.38
CA ASP B 152 37.90 29.05 -22.29
C ASP B 152 37.73 28.57 -23.74
N ASN B 153 36.45 28.37 -24.16
CA ASN B 153 36.02 27.89 -25.48
C ASN B 153 36.55 26.48 -25.85
N ALA B 154 36.97 25.71 -24.84
CA ALA B 154 37.47 24.36 -25.06
C ALA B 154 36.46 23.37 -24.46
N LEU B 155 35.84 22.55 -25.33
CA LEU B 155 34.84 21.56 -24.93
C LEU B 155 35.39 20.50 -23.98
N GLN B 156 34.64 20.21 -22.90
CA GLN B 156 35.01 19.28 -21.84
C GLN B 156 34.43 17.88 -22.06
N SER B 157 35.00 16.87 -21.37
CA SER B 157 34.55 15.49 -21.45
C SER B 157 34.99 14.70 -20.21
N GLY B 158 34.18 13.75 -19.79
CA GLY B 158 34.46 12.87 -18.66
C GLY B 158 34.37 13.44 -17.25
N ASN B 159 34.22 14.76 -17.11
CA ASN B 159 34.21 15.41 -15.79
C ASN B 159 32.86 16.01 -15.39
N SER B 160 31.76 15.41 -15.82
CA SER B 160 30.43 15.93 -15.48
C SER B 160 29.39 14.85 -15.30
N GLN B 161 28.35 15.14 -14.53
CA GLN B 161 27.26 14.19 -14.31
C GLN B 161 25.91 14.88 -14.37
N GLU B 162 24.91 14.15 -14.85
CA GLU B 162 23.57 14.70 -14.97
C GLU B 162 22.59 13.96 -14.10
N SER B 163 21.54 14.68 -13.66
CA SER B 163 20.44 14.14 -12.89
C SER B 163 19.18 14.84 -13.38
N VAL B 164 18.12 14.07 -13.63
CA VAL B 164 16.88 14.62 -14.12
C VAL B 164 15.73 14.26 -13.16
N THR B 165 14.87 15.23 -12.90
CA THR B 165 13.73 15.05 -12.00
C THR B 165 12.63 14.14 -12.64
N GLU B 166 11.64 13.74 -11.85
CA GLU B 166 10.51 13.00 -12.34
C GLU B 166 9.53 14.04 -12.96
N GLN B 167 8.62 13.58 -13.83
CA GLN B 167 7.64 14.45 -14.48
C GLN B 167 6.81 15.23 -13.46
N ASP B 168 6.73 16.56 -13.61
CA ASP B 168 6.02 17.40 -12.67
C ASP B 168 4.55 17.08 -12.66
N SER B 169 3.99 16.88 -11.45
CA SER B 169 2.59 16.52 -11.29
C SER B 169 1.62 17.57 -11.84
N LYS B 170 2.01 18.84 -11.80
CA LYS B 170 1.15 19.91 -12.29
C LYS B 170 1.38 20.28 -13.76
N ASP B 171 2.64 20.52 -14.19
CA ASP B 171 2.88 20.99 -15.55
C ASP B 171 3.54 19.98 -16.50
N SER B 172 3.81 18.76 -16.04
CA SER B 172 4.39 17.67 -16.84
C SER B 172 5.81 17.92 -17.38
N THR B 173 6.52 18.92 -16.84
CA THR B 173 7.88 19.23 -17.30
C THR B 173 8.97 18.49 -16.49
N TYR B 174 10.22 18.54 -16.97
CA TYR B 174 11.39 17.97 -16.35
C TYR B 174 12.39 19.08 -16.03
N SER B 175 13.27 18.82 -15.08
CA SER B 175 14.37 19.70 -14.77
C SER B 175 15.63 18.84 -14.77
N LEU B 176 16.78 19.44 -15.12
CA LEU B 176 18.02 18.71 -15.21
C LEU B 176 19.15 19.52 -14.61
N SER B 177 20.03 18.88 -13.83
CA SER B 177 21.22 19.52 -13.30
C SER B 177 22.43 18.83 -13.91
N SER B 178 23.39 19.60 -14.40
CA SER B 178 24.63 19.05 -14.91
C SER B 178 25.74 19.63 -14.04
N THR B 179 26.61 18.77 -13.49
CA THR B 179 27.66 19.23 -12.59
C THR B 179 29.06 18.91 -13.07
N LEU B 180 29.82 19.94 -13.41
CA LEU B 180 31.21 19.81 -13.82
C LEU B 180 32.10 19.82 -12.58
N THR B 181 32.81 18.70 -12.31
CA THR B 181 33.71 18.63 -11.18
C THR B 181 35.17 18.81 -11.64
N LEU B 182 35.86 19.79 -11.05
CA LEU B 182 37.25 20.13 -11.32
C LEU B 182 38.03 20.23 -10.01
N SER B 183 39.36 20.07 -10.07
CA SER B 183 40.19 20.30 -8.89
C SER B 183 40.37 21.83 -8.82
N LYS B 184 40.64 22.38 -7.63
CA LYS B 184 40.82 23.83 -7.46
C LYS B 184 41.93 24.37 -8.38
N ALA B 185 43.06 23.65 -8.48
CA ALA B 185 44.19 24.03 -9.33
C ALA B 185 43.79 24.15 -10.80
N ASP B 186 42.93 23.26 -11.29
N ASP B 186 42.92 23.26 -11.28
CA ASP B 186 42.48 23.31 -12.68
CA ASP B 186 42.44 23.27 -12.67
C ASP B 186 41.46 24.43 -12.91
C ASP B 186 41.48 24.44 -12.90
N TYR B 187 40.66 24.77 -11.90
CA TYR B 187 39.68 25.85 -11.98
C TYR B 187 40.37 27.22 -12.02
N GLU B 188 41.40 27.42 -11.18
CA GLU B 188 42.15 28.69 -11.14
C GLU B 188 43.00 28.94 -12.40
N LYS B 189 43.26 27.90 -13.20
CA LYS B 189 44.04 28.05 -14.43
C LYS B 189 43.26 28.77 -15.53
N HIS B 190 41.92 28.62 -15.55
CA HIS B 190 41.11 29.20 -16.64
C HIS B 190 40.13 30.28 -16.17
N LYS B 191 39.59 31.08 -17.11
CA LYS B 191 38.69 32.20 -16.77
C LYS B 191 37.21 32.01 -17.20
N VAL B 192 36.97 31.65 -18.47
CA VAL B 192 35.62 31.51 -18.99
C VAL B 192 35.05 30.14 -18.72
N TYR B 193 33.87 30.10 -18.08
CA TYR B 193 33.20 28.84 -17.79
C TYR B 193 31.82 28.93 -18.38
N ALA B 194 31.56 28.14 -19.41
CA ALA B 194 30.31 28.19 -20.13
C ALA B 194 29.58 26.85 -20.22
N CYS B 195 28.26 26.94 -20.28
CA CYS B 195 27.39 25.79 -20.38
C CYS B 195 26.49 25.99 -21.61
N GLU B 196 26.61 25.11 -22.61
CA GLU B 196 25.81 25.21 -23.84
C GLU B 196 24.73 24.14 -23.88
N VAL B 197 23.48 24.57 -23.95
CA VAL B 197 22.31 23.69 -23.93
C VAL B 197 21.60 23.56 -25.28
N THR B 198 21.36 22.33 -25.74
CA THR B 198 20.63 22.08 -26.99
C THR B 198 19.31 21.39 -26.67
N HIS B 199 18.21 21.91 -27.22
CA HIS B 199 16.88 21.37 -26.96
C HIS B 199 15.94 21.75 -28.10
N GLN B 200 14.90 20.93 -28.35
CA GLN B 200 13.91 21.19 -29.42
C GLN B 200 13.17 22.53 -29.25
N GLY B 201 13.02 22.97 -28.00
CA GLY B 201 12.38 24.25 -27.67
C GLY B 201 13.26 25.46 -27.92
N LEU B 202 14.57 25.24 -28.10
CA LEU B 202 15.55 26.28 -28.40
C LEU B 202 15.89 26.28 -29.90
N SER B 203 15.74 27.42 -30.59
CA SER B 203 16.05 27.50 -32.02
C SER B 203 17.56 27.34 -32.20
N SER B 204 18.34 28.07 -31.38
CA SER B 204 19.80 28.03 -31.32
C SER B 204 20.20 27.54 -29.92
N PRO B 205 21.38 26.90 -29.75
CA PRO B 205 21.77 26.45 -28.40
C PRO B 205 21.97 27.66 -27.48
N VAL B 206 21.60 27.50 -26.20
CA VAL B 206 21.73 28.60 -25.24
C VAL B 206 23.01 28.44 -24.44
N THR B 207 23.86 29.47 -24.44
CA THR B 207 25.08 29.43 -23.64
C THR B 207 24.96 30.37 -22.45
N LYS B 208 25.18 29.82 -21.25
CA LYS B 208 25.21 30.63 -20.03
C LYS B 208 26.64 30.58 -19.55
N SER B 209 27.25 31.75 -19.28
CA SER B 209 28.64 31.76 -18.89
C SER B 209 28.99 32.76 -17.76
N PHE B 210 30.18 32.59 -17.19
CA PHE B 210 30.71 33.49 -16.16
C PHE B 210 32.25 33.58 -16.25
N ASN B 211 32.83 34.60 -15.63
CA ASN B 211 34.28 34.74 -15.60
C ASN B 211 34.75 34.55 -14.16
N ARG B 212 35.72 33.66 -13.96
CA ARG B 212 36.24 33.36 -12.63
C ARG B 212 36.89 34.58 -11.96
C ACE C 1 -38.48 -10.67 -3.45
O ACE C 1 -37.71 -11.41 -4.05
CH3 ACE C 1 -39.95 -10.65 -3.78
N PHE C 2 -38.09 -9.84 -2.49
CA PHE C 2 -36.71 -9.77 -2.06
C PHE C 2 -36.62 -9.90 -0.56
N VAL C 3 -35.58 -10.58 -0.09
CA VAL C 3 -35.35 -10.74 1.33
C VAL C 3 -33.94 -10.37 1.76
N GLU C 4 -33.83 -9.83 2.98
CA GLU C 4 -32.55 -9.60 3.62
C GLU C 4 -32.66 -10.49 4.85
N 5CW C 5 -31.83 -11.53 4.93
CA 5CW C 5 -31.91 -12.51 6.00
C 5CW C 5 -31.00 -12.23 7.18
O 5CW C 5 -29.82 -11.89 7.02
CB 5CW C 5 -31.67 -13.92 5.44
CG 5CW C 5 -31.88 -15.03 6.43
CD1 5CW C 5 -33.03 -15.75 6.61
CD2 5CW C 5 -30.94 -15.52 7.39
CE2 5CW C 5 -31.58 -16.54 8.12
CE3 5CW C 5 -29.63 -15.17 7.76
NE1 5CW C 5 -32.85 -16.66 7.62
CZ2 5CW C 5 -30.96 -17.20 9.17
CZ3 5CW C 5 -29.03 -15.84 8.80
CH2 5CW C 5 -29.67 -16.84 9.52
CL1 5CW C 5 -27.36 -15.47 9.18
C13 A1H6Z C 6 -29.43 -9.19 9.56
C12 A1H6Z C 6 -29.04 -8.19 8.70
C8 A1H6Z C 6 -31.51 -9.28 8.44
C10 A1H6Z C 6 -29.94 -7.76 7.70
O A1H6Z C 6 -32.23 -14.08 10.27
C7 A1H6Z C 6 -30.69 -9.76 9.45
N A1H6Z C 6 -31.53 -12.45 8.39
C A1H6Z C 6 -31.22 -13.44 10.55
CA A1H6Z C 6 -30.80 -12.30 9.65
CB A1H6Z C 6 -31.11 -10.94 10.30
N9 A1H6Z C 6 -31.16 -8.30 7.59
N11 A1H6Z C 6 -29.61 -6.77 6.85
N TRP C 7 -30.42 -13.76 11.59
CA TRP C 7 -30.78 -14.87 12.48
C TRP C 7 -32.12 -14.70 13.15
N ASP C 8 -32.40 -13.52 13.71
CA ASP C 8 -33.65 -13.29 14.43
C ASP C 8 -34.76 -12.64 13.62
N TYR C 9 -34.53 -12.31 12.33
CA TYR C 9 -35.57 -11.64 11.53
C TYR C 9 -35.27 -11.61 10.05
N VAL C 10 -36.31 -11.38 9.22
CA VAL C 10 -36.14 -11.29 7.77
C VAL C 10 -36.80 -10.00 7.25
N CHG C 11 -36.14 -9.30 6.35
CA CHG C 11 -36.65 -8.07 5.76
C CHG C 11 -37.23 -8.40 4.41
O CHG C 11 -36.49 -8.72 3.50
C1 CHG C 11 -35.56 -6.99 5.66
C2 CHG C 11 -36.14 -5.68 5.08
C3 CHG C 11 -35.07 -4.58 4.97
C4 CHG C 11 -34.40 -4.32 6.33
C5 CHG C 11 -33.83 -5.62 6.91
C6 CHG C 11 -34.89 -6.71 7.01
N1 6G5 C 12 -39.92 -12.54 5.16
C4 6G5 C 12 -40.13 -14.47 3.58
C5 6G5 C 12 -40.11 -13.12 3.94
C6 6G5 C 12 -40.29 -12.10 3.00
C7 6G5 C 12 -39.99 -11.18 5.02
C8 6G5 C 12 -40.21 -10.85 3.72
CA 6G5 C 12 -39.20 -8.59 2.99
C 6G5 C 12 -39.60 -7.34 2.23
O 6G5 C 12 -40.08 -6.36 2.81
N 6G5 C 12 -38.55 -8.28 4.25
CB 6G5 C 12 -40.45 -9.45 3.23
C1 6G5 C 12 -40.46 -12.49 1.68
CL1 6G5 C 12 -40.57 -11.28 0.42
C2 6G5 C 12 -40.49 -13.82 1.29
C3 6G5 C 12 -40.33 -14.81 2.25
N SER C 13 -39.44 -7.39 0.91
CA SER C 13 -39.91 -6.32 0.02
C SER C 13 -40.53 -6.95 -1.23
N GLU C 14 -41.40 -6.20 -1.92
CA GLU C 14 -42.05 -6.64 -3.17
C GLU C 14 -41.01 -6.76 -4.27
N CYS C 15 -41.12 -7.76 -5.15
CA CYS C 15 -40.12 -7.95 -6.20
C CYS C 15 -40.65 -7.75 -7.62
N NH2 C 16 -41.98 -7.78 -7.80
N GLY D 2 -45.42 -21.95 -11.19
CA GLY D 2 -45.66 -22.92 -10.12
C GLY D 2 -45.06 -22.52 -8.78
N CYS D 3 -43.82 -22.02 -8.78
CA CYS D 3 -43.16 -21.60 -7.54
C CYS D 3 -42.62 -20.18 -7.68
N LYS D 4 -42.99 -19.29 -6.73
CA LYS D 4 -42.59 -17.88 -6.71
C LYS D 4 -41.12 -17.73 -6.32
N ASP D 5 -40.30 -17.12 -7.19
CA ASP D 5 -38.89 -16.93 -6.91
C ASP D 5 -38.60 -15.70 -6.04
N ILE D 6 -37.92 -15.90 -4.90
CA ILE D 6 -37.53 -14.79 -4.01
C ILE D 6 -36.01 -14.75 -3.98
N PHE D 7 -35.41 -13.58 -4.21
CA PHE D 7 -33.95 -13.44 -4.19
C PHE D 7 -33.49 -12.81 -2.90
N MET D 8 -32.52 -13.45 -2.25
CA MET D 8 -31.95 -12.97 -1.01
C MET D 8 -30.84 -12.00 -1.40
N LYS D 9 -30.95 -10.76 -0.93
CA LYS D 9 -30.03 -9.67 -1.25
C LYS D 9 -28.71 -9.74 -0.52
N ASN D 10 -28.63 -10.44 0.60
CA ASN D 10 -27.38 -10.52 1.35
C ASN D 10 -26.75 -11.89 1.23
N GLU D 11 -25.43 -11.90 1.06
CA GLU D 11 -24.63 -13.11 0.88
C GLU D 11 -24.20 -13.64 2.26
N ILE D 12 -24.24 -14.97 2.47
CA ILE D 12 -23.82 -15.53 3.75
C ILE D 12 -22.40 -16.13 3.59
N LEU D 13 -21.48 -15.68 4.45
CA LEU D 13 -20.11 -16.12 4.36
C LEU D 13 -19.74 -17.09 5.46
N SER D 14 -18.87 -18.06 5.15
CA SER D 14 -18.40 -19.00 6.15
C SER D 14 -16.99 -19.44 5.89
N ALA D 15 -16.25 -19.72 6.96
CA ALA D 15 -14.91 -20.26 6.85
C ALA D 15 -15.03 -21.71 6.38
N SER D 16 -13.94 -22.25 5.83
CA SER D 16 -13.87 -23.64 5.38
C SER D 16 -13.71 -24.48 6.65
N GLN D 17 -14.84 -24.88 7.20
CA GLN D 17 -15.01 -25.63 8.44
C GLN D 17 -16.52 -26.05 8.47
N PRO D 18 -17.01 -26.81 9.49
CA PRO D 18 -18.47 -27.09 9.55
C PRO D 18 -19.35 -25.84 9.44
N PHE D 19 -20.40 -25.90 8.63
CA PHE D 19 -21.32 -24.77 8.47
C PHE D 19 -22.73 -25.28 8.24
N ALA D 20 -23.70 -24.60 8.81
CA ALA D 20 -25.09 -24.95 8.62
C ALA D 20 -25.92 -23.69 8.44
N PHE D 21 -26.86 -23.71 7.48
CA PHE D 21 -27.77 -22.60 7.26
C PHE D 21 -29.19 -23.13 7.35
N ASN D 22 -30.03 -22.54 8.19
CA ASN D 22 -31.41 -22.99 8.34
C ASN D 22 -32.33 -22.25 7.42
N CYS D 23 -33.27 -22.96 6.82
CA CYS D 23 -34.26 -22.32 5.97
C CYS D 23 -35.36 -21.71 6.84
N THR D 24 -35.03 -20.66 7.57
CA THR D 24 -36.00 -19.97 8.39
C THR D 24 -36.25 -18.62 7.74
N PHE D 25 -37.45 -18.47 7.19
CA PHE D 25 -37.85 -17.25 6.52
C PHE D 25 -39.26 -16.89 6.98
N PRO D 26 -39.42 -16.44 8.25
CA PRO D 26 -40.76 -16.01 8.69
C PRO D 26 -41.28 -14.88 7.80
N PRO D 27 -42.59 -14.88 7.52
CA PRO D 27 -43.63 -15.77 8.05
C PRO D 27 -43.91 -17.06 7.26
N ILE D 28 -43.34 -17.17 6.07
CA ILE D 28 -43.54 -18.23 5.11
C ILE D 28 -43.16 -19.62 5.65
N THR D 29 -42.15 -19.74 6.50
CA THR D 29 -41.76 -21.02 7.08
C THR D 29 -42.45 -21.35 8.41
N SER D 30 -43.35 -20.49 8.89
CA SER D 30 -44.12 -20.77 10.10
C SER D 30 -45.32 -21.63 9.68
N GLY D 31 -45.77 -22.50 10.57
CA GLY D 31 -46.91 -23.36 10.28
C GLY D 31 -46.61 -24.63 9.50
N GLU D 32 -47.66 -25.27 8.95
CA GLU D 32 -47.46 -26.51 8.21
C GLU D 32 -46.90 -26.31 6.82
N VAL D 33 -45.56 -26.33 6.71
CA VAL D 33 -44.86 -26.16 5.44
C VAL D 33 -43.74 -27.21 5.30
N SER D 34 -43.42 -27.55 4.07
CA SER D 34 -42.35 -28.48 3.72
C SER D 34 -41.15 -27.63 3.22
N VAL D 35 -39.93 -28.09 3.51
CA VAL D 35 -38.72 -27.35 3.14
C VAL D 35 -37.76 -28.26 2.37
N THR D 36 -37.31 -27.82 1.19
CA THR D 36 -36.37 -28.62 0.41
C THR D 36 -35.22 -27.81 -0.07
N TRP D 37 -34.00 -28.25 0.24
CA TRP D 37 -32.77 -27.57 -0.17
C TRP D 37 -32.25 -28.16 -1.47
N TYR D 38 -31.79 -27.28 -2.37
CA TYR D 38 -31.21 -27.60 -3.68
C TYR D 38 -29.88 -26.86 -3.83
N LYS D 39 -28.97 -27.36 -4.69
CA LYS D 39 -27.69 -26.71 -4.89
C LYS D 39 -27.51 -26.21 -6.32
N ASN D 40 -28.08 -25.03 -6.63
CA ASN D 40 -28.01 -24.39 -7.93
C ASN D 40 -28.80 -25.20 -8.95
N SER D 41 -30.07 -25.47 -8.64
CA SER D 41 -31.00 -26.24 -9.46
C SER D 41 -32.41 -26.10 -8.93
N SER D 42 -33.39 -26.16 -9.83
CA SER D 42 -34.79 -26.16 -9.43
C SER D 42 -35.39 -27.56 -9.67
N LYS D 43 -34.54 -28.63 -9.78
CA LYS D 43 -34.97 -30.00 -10.05
C LYS D 43 -34.23 -31.02 -9.17
N ILE D 44 -32.90 -30.89 -9.00
CA ILE D 44 -32.14 -31.86 -8.20
C ILE D 44 -31.79 -31.34 -6.80
N PRO D 45 -32.39 -31.92 -5.76
CA PRO D 45 -32.12 -31.45 -4.41
C PRO D 45 -30.81 -31.93 -3.80
N VAL D 46 -30.42 -31.37 -2.65
CA VAL D 46 -29.24 -31.83 -1.94
C VAL D 46 -29.54 -33.21 -1.30
N SER D 47 -28.49 -33.96 -1.01
CA SER D 47 -28.64 -35.30 -0.43
C SER D 47 -29.27 -35.26 0.96
N LYS D 48 -29.95 -36.34 1.31
CA LYS D 48 -30.52 -36.51 2.64
C LYS D 48 -29.76 -37.58 3.45
N ILE D 49 -28.65 -38.11 2.90
CA ILE D 49 -27.83 -39.10 3.57
C ILE D 49 -26.99 -38.37 4.58
N ILE D 50 -27.16 -38.72 5.86
CA ILE D 50 -26.47 -38.13 7.00
C ILE D 50 -24.94 -38.16 6.84
N GLN D 51 -24.42 -39.15 6.13
CA GLN D 51 -22.98 -39.27 5.92
C GLN D 51 -22.43 -38.44 4.74
N SER D 52 -23.31 -37.80 3.96
CA SER D 52 -22.85 -36.96 2.85
C SER D 52 -22.22 -35.68 3.44
N ARG D 53 -21.16 -35.16 2.78
CA ARG D 53 -20.47 -33.95 3.21
C ARG D 53 -21.43 -32.77 3.23
N ILE D 54 -22.27 -32.66 2.20
CA ILE D 54 -23.28 -31.62 2.14
C ILE D 54 -24.60 -32.37 2.16
N HIS D 55 -25.48 -32.11 3.16
CA HIS D 55 -26.77 -32.79 3.23
C HIS D 55 -27.87 -31.97 3.93
N GLN D 56 -29.15 -32.29 3.67
CA GLN D 56 -30.28 -31.62 4.31
C GLN D 56 -30.63 -32.32 5.63
N ASP D 57 -30.46 -31.62 6.73
CA ASP D 57 -30.74 -32.13 8.07
C ASP D 57 -31.93 -31.30 8.51
N GLU D 58 -33.13 -31.91 8.55
CA GLU D 58 -34.39 -31.24 8.88
C GLU D 58 -34.63 -30.08 7.88
N THR D 59 -34.67 -28.84 8.36
CA THR D 59 -34.85 -27.64 7.52
C THR D 59 -33.51 -26.93 7.16
N TRP D 60 -32.37 -27.51 7.58
CA TRP D 60 -31.03 -26.99 7.44
C TRP D 60 -30.27 -27.58 6.26
N ILE D 61 -29.32 -26.82 5.73
CA ILE D 61 -28.36 -27.36 4.79
C ILE D 61 -27.07 -27.41 5.60
N LEU D 62 -26.52 -28.62 5.76
CA LEU D 62 -25.33 -28.83 6.57
C LEU D 62 -24.12 -29.21 5.75
N PHE D 63 -22.99 -28.54 5.98
CA PHE D 63 -21.72 -28.80 5.31
C PHE D 63 -20.74 -29.31 6.37
N LEU D 64 -20.31 -30.56 6.27
CA LEU D 64 -19.39 -31.18 7.22
C LEU D 64 -18.09 -31.69 6.57
N PRO D 65 -17.14 -30.82 6.22
CA PRO D 65 -17.14 -29.35 6.35
C PRO D 65 -17.48 -28.60 5.06
N MET D 66 -17.64 -27.27 5.14
CA MET D 66 -17.79 -26.48 3.92
C MET D 66 -16.34 -26.31 3.41
N GLU D 67 -16.13 -26.48 2.11
CA GLU D 67 -14.79 -26.36 1.55
C GLU D 67 -14.76 -25.61 0.23
N TRP D 68 -13.55 -25.27 -0.25
CA TRP D 68 -13.34 -24.56 -1.52
C TRP D 68 -14.10 -25.22 -2.67
N GLY D 69 -14.90 -24.45 -3.38
CA GLY D 69 -15.75 -24.98 -4.44
C GLY D 69 -17.22 -25.01 -4.07
N ASP D 70 -17.55 -24.84 -2.76
CA ASP D 70 -18.96 -24.87 -2.31
C ASP D 70 -19.71 -23.55 -2.51
N SER D 71 -19.00 -22.45 -2.81
CA SER D 71 -19.66 -21.17 -3.02
C SER D 71 -20.59 -21.21 -4.22
N GLY D 72 -21.72 -20.58 -4.08
CA GLY D 72 -22.70 -20.51 -5.16
C GLY D 72 -24.08 -20.13 -4.68
N VAL D 73 -25.08 -20.41 -5.49
CA VAL D 73 -26.45 -20.11 -5.19
C VAL D 73 -27.12 -21.41 -4.79
N TYR D 74 -27.81 -21.41 -3.65
CA TYR D 74 -28.55 -22.57 -3.18
C TYR D 74 -30.05 -22.19 -3.17
N GLN D 75 -30.93 -23.19 -3.18
CA GLN D 75 -32.35 -22.89 -3.18
C GLN D 75 -33.12 -23.57 -2.10
N CYS D 76 -33.94 -22.78 -1.36
CA CYS D 76 -34.82 -23.40 -0.41
C CYS D 76 -36.23 -23.28 -0.91
N VAL D 77 -36.83 -24.41 -1.24
CA VAL D 77 -38.19 -24.45 -1.71
C VAL D 77 -39.12 -24.69 -0.55
N ILE D 78 -40.02 -23.73 -0.32
CA ILE D 78 -40.96 -23.76 0.79
C ILE D 78 -42.38 -23.96 0.27
N LYS D 79 -42.98 -25.09 0.60
CA LYS D 79 -44.31 -25.43 0.14
C LYS D 79 -45.28 -25.52 1.28
N GLY D 80 -46.37 -24.78 1.20
CA GLY D 80 -47.41 -24.84 2.21
C GLY D 80 -48.66 -25.48 1.63
N ARG D 81 -49.83 -25.13 2.18
CA ARG D 81 -51.09 -25.66 1.65
C ARG D 81 -51.46 -24.74 0.48
N ASP D 82 -51.18 -25.22 -0.76
CA ASP D 82 -51.38 -24.46 -2.01
C ASP D 82 -50.59 -23.12 -1.98
N SER D 83 -49.25 -23.20 -1.92
CA SER D 83 -48.36 -22.02 -1.87
C SER D 83 -46.91 -22.45 -2.02
N CYS D 84 -46.20 -21.84 -2.98
CA CYS D 84 -44.83 -22.22 -3.24
C CYS D 84 -43.91 -21.01 -3.38
N HIS D 85 -42.79 -21.06 -2.66
CA HIS D 85 -41.78 -20.02 -2.75
C HIS D 85 -40.42 -20.70 -2.89
N ARG D 86 -39.53 -20.11 -3.69
CA ARG D 86 -38.20 -20.63 -3.89
C ARG D 86 -37.21 -19.54 -3.56
N ILE D 87 -36.47 -19.68 -2.45
CA ILE D 87 -35.52 -18.65 -2.04
C ILE D 87 -34.14 -18.94 -2.60
N HIS D 88 -33.58 -18.01 -3.36
CA HIS D 88 -32.24 -18.11 -3.90
C HIS D 88 -31.30 -17.49 -2.88
N VAL D 89 -30.45 -18.31 -2.27
CA VAL D 89 -29.54 -17.94 -1.18
C VAL D 89 -28.09 -18.10 -1.60
N ASN D 90 -27.30 -17.02 -1.55
CA ASN D 90 -25.87 -17.11 -1.90
C ASN D 90 -25.05 -17.45 -0.70
N LEU D 91 -24.47 -18.65 -0.70
CA LEU D 91 -23.59 -19.06 0.38
C LEU D 91 -22.17 -19.05 -0.17
N THR D 92 -21.26 -18.37 0.53
CA THR D 92 -19.89 -18.23 0.08
C THR D 92 -18.86 -18.69 1.14
N VAL D 93 -17.90 -19.50 0.71
CA VAL D 93 -16.86 -20.01 1.58
C VAL D 93 -15.55 -19.24 1.34
N PHE D 94 -14.82 -18.99 2.45
CA PHE D 94 -13.49 -18.42 2.50
C PHE D 94 -12.59 -19.42 3.20
N GLU D 95 -11.34 -19.46 2.79
CA GLU D 95 -10.42 -20.50 3.20
C GLU D 95 -9.76 -20.36 4.55
N LYS D 96 -9.45 -19.14 5.03
CA LYS D 96 -8.62 -19.02 6.24
C LYS D 96 -9.22 -18.22 7.40
N HIS D 97 -8.67 -18.40 8.60
CA HIS D 97 -9.12 -17.69 9.80
C HIS D 97 -8.17 -16.55 10.15
N TRP D 98 -8.70 -15.42 10.62
CA TRP D 98 -7.95 -14.22 11.01
C TRP D 98 -6.71 -14.44 11.88
N CYS D 99 -6.78 -15.35 12.85
CA CYS D 99 -5.65 -15.59 13.75
C CYS D 99 -4.57 -16.48 13.13
N ASP D 100 -4.87 -17.18 12.01
CA ASP D 100 -3.89 -18.01 11.36
C ASP D 100 -3.12 -17.16 10.35
N THR D 101 -3.85 -16.38 9.53
CA THR D 101 -3.30 -15.54 8.45
C THR D 101 -4.34 -14.49 8.02
N SER D 102 -3.90 -13.36 7.47
CA SER D 102 -4.83 -12.35 6.94
C SER D 102 -5.15 -12.58 5.46
N ILE D 103 -4.49 -13.55 4.81
CA ILE D 103 -4.65 -13.84 3.39
C ILE D 103 -5.80 -14.83 3.17
N GLY D 104 -6.61 -14.59 2.14
CA GLY D 104 -7.72 -15.47 1.80
C GLY D 104 -8.71 -15.70 2.92
N GLY D 105 -8.96 -14.68 3.72
CA GLY D 105 -9.89 -14.77 4.83
C GLY D 105 -11.23 -14.14 4.52
N LEU D 106 -11.95 -13.66 5.55
CA LEU D 106 -13.27 -13.02 5.42
C LEU D 106 -13.22 -11.90 4.35
N PRO D 107 -13.90 -12.11 3.22
CA PRO D 107 -13.76 -11.17 2.11
C PRO D 107 -14.40 -9.81 2.34
N ASN D 108 -15.47 -9.77 3.12
CA ASN D 108 -16.17 -8.53 3.47
C ASN D 108 -16.89 -8.68 4.79
N LEU D 109 -17.10 -7.55 5.45
CA LEU D 109 -17.80 -7.53 6.73
C LEU D 109 -19.32 -7.60 6.56
N SER D 110 -19.85 -8.79 6.30
CA SER D 110 -21.30 -8.96 6.26
C SER D 110 -21.85 -8.80 7.70
N ASP D 111 -23.11 -8.39 7.84
CA ASP D 111 -23.78 -8.10 9.12
C ASP D 111 -23.52 -9.10 10.22
N GLU D 112 -23.46 -10.38 9.88
CA GLU D 112 -23.21 -11.46 10.80
C GLU D 112 -21.82 -11.39 11.49
N TYR D 113 -20.83 -10.86 10.79
CA TYR D 113 -19.48 -10.72 11.33
C TYR D 113 -19.23 -9.39 12.01
N LYS D 114 -20.28 -8.59 12.24
CA LYS D 114 -20.19 -7.27 12.81
C LYS D 114 -21.16 -7.15 13.96
N GLN D 115 -20.65 -6.70 15.10
CA GLN D 115 -21.45 -6.50 16.30
C GLN D 115 -21.04 -5.19 17.00
N ILE D 116 -21.91 -4.68 17.87
CA ILE D 116 -21.65 -3.42 18.57
C ILE D 116 -21.82 -3.56 20.06
N LEU D 117 -21.04 -2.79 20.82
CA LEU D 117 -21.13 -2.80 22.27
C LEU D 117 -21.37 -1.36 22.74
N HIS D 118 -22.49 -1.14 23.46
CA HIS D 118 -22.86 0.18 23.96
C HIS D 118 -22.03 0.60 25.15
N LEU D 119 -21.23 1.67 24.98
CA LEU D 119 -20.34 2.24 26.00
C LEU D 119 -21.08 2.50 27.29
N GLY D 120 -20.51 2.02 28.40
CA GLY D 120 -21.05 2.18 29.74
C GLY D 120 -22.14 1.22 30.14
N LYS D 121 -22.68 0.46 29.20
CA LYS D 121 -23.74 -0.48 29.50
C LYS D 121 -23.22 -1.91 29.74
N ASP D 122 -24.08 -2.77 30.28
CA ASP D 122 -23.80 -4.18 30.43
C ASP D 122 -24.40 -4.76 29.17
N ASP D 123 -23.54 -5.26 28.28
CA ASP D 123 -23.95 -5.77 26.98
C ASP D 123 -23.45 -7.24 26.76
N SER D 124 -23.53 -7.75 25.53
CA SER D 124 -23.11 -9.12 25.24
C SER D 124 -22.85 -9.34 23.76
N LEU D 125 -22.01 -10.34 23.43
CA LEU D 125 -21.71 -10.73 22.04
C LEU D 125 -22.19 -12.15 21.79
N THR D 126 -22.53 -12.46 20.54
CA THR D 126 -22.95 -13.82 20.18
C THR D 126 -22.04 -14.42 19.15
N CYS D 127 -21.96 -15.75 19.17
CA CYS D 127 -21.10 -16.55 18.31
C CYS D 127 -21.41 -16.51 16.83
N HIS D 128 -22.71 -16.50 16.49
CA HIS D 128 -23.26 -16.71 15.14
C HIS D 128 -22.87 -18.16 14.69
N LEU D 129 -23.01 -19.11 15.65
CA LEU D 129 -22.72 -20.54 15.52
C LEU D 129 -24.05 -21.25 15.46
N HIS D 130 -24.66 -21.26 14.27
CA HIS D 130 -25.99 -21.86 14.11
C HIS D 130 -25.88 -23.21 13.49
N PHE D 131 -26.38 -24.24 14.19
CA PHE D 131 -26.33 -25.62 13.70
C PHE D 131 -27.62 -26.38 14.08
N PRO D 132 -28.01 -27.43 13.32
CA PRO D 132 -29.16 -28.25 13.75
C PRO D 132 -28.88 -28.99 15.08
N LYS D 133 -29.91 -29.66 15.65
CA LYS D 133 -29.79 -30.36 16.93
C LYS D 133 -28.78 -31.53 16.91
N SER D 134 -28.56 -32.14 15.75
CA SER D 134 -27.61 -33.25 15.60
C SER D 134 -26.14 -32.82 15.78
N CYS D 135 -25.87 -31.51 15.71
CA CYS D 135 -24.54 -30.99 15.88
C CYS D 135 -24.43 -30.44 17.28
N VAL D 136 -23.93 -31.26 18.21
CA VAL D 136 -23.82 -30.85 19.61
C VAL D 136 -22.57 -30.02 19.78
N LEU D 137 -22.71 -28.83 20.33
CA LEU D 137 -21.57 -27.95 20.55
C LEU D 137 -20.99 -28.18 21.94
N GLY D 138 -19.71 -28.49 22.00
CA GLY D 138 -19.01 -28.71 23.25
C GLY D 138 -18.77 -27.39 23.96
N PRO D 139 -17.75 -27.39 24.83
CA PRO D 139 -17.45 -26.16 25.57
C PRO D 139 -16.98 -25.05 24.64
N ILE D 140 -17.55 -23.84 24.79
CA ILE D 140 -17.22 -22.71 23.94
C ILE D 140 -16.21 -21.78 24.59
N LYS D 141 -15.07 -21.56 23.92
CA LYS D 141 -14.05 -20.65 24.42
C LYS D 141 -14.06 -19.33 23.61
N TRP D 142 -13.77 -18.21 24.27
CA TRP D 142 -13.77 -16.91 23.62
C TRP D 142 -12.40 -16.27 23.63
N TYR D 143 -12.13 -15.51 22.56
CA TYR D 143 -10.88 -14.80 22.32
C TYR D 143 -11.16 -13.36 21.95
N LYS D 144 -10.20 -12.50 22.27
CA LYS D 144 -10.20 -11.09 21.91
C LYS D 144 -8.82 -10.86 21.35
N ASP D 145 -8.74 -10.39 20.11
CA ASP D 145 -7.51 -10.14 19.37
C ASP D 145 -6.58 -11.32 19.38
N CYS D 146 -7.14 -12.51 19.15
CA CYS D 146 -6.45 -13.78 19.05
C CYS D 146 -5.87 -14.31 20.36
N ASN D 147 -6.27 -13.74 21.49
CA ASN D 147 -5.84 -14.21 22.79
C ASN D 147 -7.05 -14.45 23.66
N GLU D 148 -7.10 -15.59 24.37
CA GLU D 148 -8.22 -15.93 25.22
C GLU D 148 -8.59 -14.79 26.21
N ILE D 149 -9.89 -14.53 26.38
CA ILE D 149 -10.33 -13.46 27.24
C ILE D 149 -10.13 -13.80 28.71
N LYS D 150 -9.52 -12.88 29.45
CA LYS D 150 -9.27 -13.08 30.86
C LYS D 150 -9.41 -11.71 31.55
N GLY D 151 -10.64 -11.34 31.87
CA GLY D 151 -10.88 -10.04 32.49
C GLY D 151 -12.13 -10.08 33.35
N GLU D 152 -12.16 -9.25 34.42
CA GLU D 152 -13.28 -9.18 35.36
C GLU D 152 -14.64 -8.92 34.70
N ARG D 153 -14.66 -8.11 33.65
CA ARG D 153 -15.90 -7.72 33.01
C ARG D 153 -16.42 -8.69 31.95
N PHE D 154 -15.66 -9.73 31.62
CA PHE D 154 -16.06 -10.67 30.59
C PHE D 154 -16.45 -12.01 31.17
N THR D 155 -17.60 -12.54 30.74
CA THR D 155 -18.05 -13.84 31.22
C THR D 155 -18.59 -14.69 30.10
N VAL D 156 -18.00 -15.87 29.91
CA VAL D 156 -18.46 -16.81 28.91
C VAL D 156 -19.71 -17.45 29.44
N LEU D 157 -20.77 -17.39 28.66
CA LEU D 157 -22.04 -17.98 29.05
C LEU D 157 -22.55 -18.81 27.87
N GLU D 158 -21.94 -19.99 27.69
CA GLU D 158 -22.25 -20.92 26.61
C GLU D 158 -21.95 -20.25 25.24
N THR D 159 -22.97 -19.97 24.41
CA THR D 159 -22.74 -19.35 23.09
C THR D 159 -22.82 -17.80 23.12
N ARG D 160 -22.67 -17.22 24.31
CA ARG D 160 -22.75 -15.78 24.49
C ARG D 160 -21.59 -15.27 25.35
N LEU D 161 -21.11 -14.07 25.06
CA LEU D 161 -20.06 -13.44 25.86
C LEU D 161 -20.65 -12.21 26.59
N LEU D 162 -20.80 -12.29 27.90
CA LEU D 162 -21.34 -11.20 28.71
C LEU D 162 -20.26 -10.17 28.96
N VAL D 163 -20.54 -8.88 28.66
CA VAL D 163 -19.56 -7.81 28.82
C VAL D 163 -20.12 -6.74 29.75
N SER D 164 -19.50 -6.55 30.92
CA SER D 164 -19.96 -5.58 31.90
C SER D 164 -19.31 -4.23 31.69
N ASN D 165 -20.05 -3.13 31.90
CA ASN D 165 -19.53 -1.75 31.81
C ASN D 165 -18.61 -1.50 30.61
N VAL D 166 -19.15 -1.69 29.40
CA VAL D 166 -18.42 -1.58 28.14
C VAL D 166 -17.51 -0.34 28.05
N SER D 167 -16.20 -0.54 27.84
CA SER D 167 -15.25 0.55 27.68
C SER D 167 -14.83 0.71 26.20
N ALA D 168 -14.19 1.84 25.83
CA ALA D 168 -13.73 2.05 24.46
C ALA D 168 -12.62 1.05 24.07
N GLU D 169 -11.85 0.55 25.05
CA GLU D 169 -10.81 -0.44 24.76
C GLU D 169 -11.41 -1.80 24.33
N ASP D 170 -12.73 -2.00 24.49
CA ASP D 170 -13.37 -3.25 24.11
C ASP D 170 -13.52 -3.44 22.59
N ARG D 171 -13.09 -2.46 21.79
CA ARG D 171 -13.16 -2.59 20.34
C ARG D 171 -12.08 -3.59 19.93
N GLY D 172 -12.36 -4.33 18.89
CA GLY D 172 -11.42 -5.29 18.37
C GLY D 172 -12.10 -6.49 17.76
N ASN D 173 -11.31 -7.48 17.44
CA ASN D 173 -11.83 -8.69 16.86
C ASN D 173 -12.01 -9.72 17.94
N TYR D 174 -13.18 -10.30 17.96
CA TYR D 174 -13.50 -11.34 18.91
C TYR D 174 -13.69 -12.62 18.16
N ALA D 175 -13.54 -13.74 18.84
CA ALA D 175 -13.77 -15.02 18.21
C ALA D 175 -14.24 -16.03 19.21
N CYS D 176 -15.05 -16.98 18.75
CA CYS D 176 -15.46 -18.06 19.60
C CYS D 176 -15.16 -19.37 18.93
N GLN D 177 -14.63 -20.30 19.71
CA GLN D 177 -14.24 -21.61 19.23
C GLN D 177 -14.92 -22.71 20.03
N ALA D 178 -15.44 -23.71 19.34
CA ALA D 178 -16.14 -24.81 19.98
C ALA D 178 -15.90 -26.11 19.23
N ILE D 179 -15.98 -27.22 19.96
CA ILE D 179 -15.84 -28.53 19.36
C ILE D 179 -17.26 -28.94 18.96
N LEU D 180 -17.47 -29.30 17.71
CA LEU D 180 -18.78 -29.74 17.25
C LEU D 180 -18.75 -31.26 17.15
N THR D 181 -19.76 -31.91 17.70
CA THR D 181 -19.85 -33.37 17.67
C THR D 181 -21.05 -33.82 16.85
N HIS D 182 -20.78 -34.36 15.66
CA HIS D 182 -21.83 -34.87 14.79
C HIS D 182 -21.57 -36.33 14.49
N SER D 183 -22.53 -37.19 14.87
CA SER D 183 -22.50 -38.64 14.65
C SER D 183 -21.22 -39.32 15.13
N GLY D 184 -20.83 -39.01 16.36
CA GLY D 184 -19.64 -39.62 16.96
C GLY D 184 -18.32 -39.03 16.50
N LYS D 185 -18.35 -38.13 15.50
CA LYS D 185 -17.16 -37.47 14.96
C LYS D 185 -17.01 -36.06 15.53
N GLN D 186 -15.77 -35.63 15.75
CA GLN D 186 -15.51 -34.31 16.29
C GLN D 186 -14.87 -33.43 15.24
N TYR D 187 -15.40 -32.22 15.09
CA TYR D 187 -14.89 -31.22 14.16
C TYR D 187 -14.69 -29.92 14.95
N GLU D 188 -13.82 -29.01 14.48
CA GLU D 188 -13.61 -27.75 15.17
C GLU D 188 -14.28 -26.59 14.43
N VAL D 189 -14.88 -25.64 15.15
CA VAL D 189 -15.53 -24.49 14.54
C VAL D 189 -15.00 -23.22 15.18
N LEU D 190 -14.55 -22.26 14.39
CA LEU D 190 -14.02 -21.01 14.89
C LEU D 190 -14.69 -19.87 14.15
N ASN D 191 -15.41 -19.00 14.88
CA ASN D 191 -16.14 -17.89 14.25
C ASN D 191 -15.67 -16.57 14.77
N GLY D 192 -15.36 -15.66 13.87
CA GLY D 192 -14.90 -14.32 14.25
C GLY D 192 -15.94 -13.23 14.11
N ILE D 193 -15.69 -12.10 14.73
CA ILE D 193 -16.54 -10.91 14.67
C ILE D 193 -15.71 -9.66 14.89
N THR D 194 -16.13 -8.57 14.29
CA THR D 194 -15.49 -7.28 14.54
C THR D 194 -16.46 -6.48 15.38
N VAL D 195 -15.98 -5.96 16.52
CA VAL D 195 -16.81 -5.22 17.44
C VAL D 195 -16.40 -3.76 17.55
N SER D 196 -17.38 -2.86 17.39
CA SER D 196 -17.12 -1.44 17.55
C SER D 196 -17.95 -0.92 18.73
N ILE D 197 -17.42 0.09 19.41
CA ILE D 197 -18.08 0.65 20.58
C ILE D 197 -18.88 1.85 20.14
N THR D 198 -20.19 1.87 20.43
CA THR D 198 -21.06 2.99 20.05
C THR D 198 -20.91 4.16 21.00
C1 NAG E . -25.57 -14.37 -6.00
C2 NAG E . -25.43 -12.86 -6.17
C3 NAG E . -25.81 -12.45 -7.59
C4 NAG E . -24.98 -13.24 -8.60
C5 NAG E . -25.12 -14.74 -8.34
C6 NAG E . -24.21 -15.58 -9.21
C7 NAG E . -25.76 -11.65 -4.07
C8 NAG E . -26.77 -11.05 -3.13
N2 NAG E . -26.26 -12.17 -5.19
O3 NAG E . -25.60 -11.05 -7.77
O4 NAG E . -25.42 -12.93 -9.91
O5 NAG E . -24.76 -15.04 -6.98
O6 NAG E . -22.86 -15.20 -9.06
O7 NAG E . -24.57 -11.64 -3.82
C1 NAG E . -24.51 -12.47 -10.90
C2 NAG E . -25.16 -12.68 -12.27
C3 NAG E . -24.27 -12.11 -13.37
C4 NAG E . -23.91 -10.66 -13.08
C5 NAG E . -23.27 -10.57 -11.70
C6 NAG E . -22.87 -9.16 -11.29
C7 NAG E . -26.63 -14.64 -12.23
C8 NAG E . -26.75 -16.11 -12.52
N2 NAG E . -25.44 -14.08 -12.50
O3 NAG E . -24.95 -12.22 -14.62
O4 NAG E . -23.04 -10.13 -14.08
O5 NAG E . -24.20 -11.08 -10.72
O6 NAG E . -23.88 -8.19 -11.60
O7 NAG E . -27.57 -13.99 -11.78
C1 NAG F . -35.23 -23.60 11.35
C2 NAG F . -35.76 -23.04 12.67
C3 NAG F . -37.10 -23.72 12.99
C4 NAG F . -38.07 -23.52 11.84
C5 NAG F . -37.46 -23.94 10.49
C6 NAG F . -38.32 -23.49 9.33
C7 NAG F . -34.02 -22.28 14.27
C8 NAG F . -34.06 -20.93 13.62
N2 NAG F . -34.82 -23.23 13.75
O3 NAG F . -37.63 -23.18 14.19
O4 NAG F . -39.22 -24.32 12.04
O5 NAG F . -36.17 -23.34 10.31
O6 NAG F . -37.81 -23.93 8.08
O7 NAG F . -33.29 -22.51 15.24
C1 NAG F . -40.44 -23.66 12.19
C2 NAG F . -41.57 -24.61 11.78
C3 NAG F . -42.92 -23.98 12.05
C4 NAG F . -43.01 -23.48 13.48
C5 NAG F . -41.84 -22.55 13.80
C6 NAG F . -41.80 -22.08 15.23
C7 NAG F . -40.83 -26.06 9.93
C8 NAG F . -40.83 -26.25 8.44
N2 NAG F . -41.45 -24.96 10.37
O3 NAG F . -43.95 -24.94 11.79
O4 NAG F . -44.22 -22.76 13.65
O5 NAG F . -40.62 -23.27 13.55
O6 NAG F . -41.45 -23.13 16.13
O7 NAG F . -40.32 -26.87 10.69
C1 BMA F . -45.24 -23.34 14.42
C2 BMA F . -45.93 -22.23 15.22
C3 BMA F . -47.07 -22.85 16.02
C4 BMA F . -48.02 -23.64 15.13
C5 BMA F . -47.24 -24.69 14.33
C6 BMA F . -48.07 -25.45 13.33
O2 BMA F . -46.42 -21.23 14.34
O3 BMA F . -47.76 -21.83 16.75
O4 BMA F . -49.04 -24.26 15.90
O5 BMA F . -46.19 -24.05 13.60
O6 BMA F . -48.93 -24.57 12.60
C1 MAN F . -49.96 -25.18 11.87
C2 MAN F . -50.69 -24.08 11.13
C3 MAN F . -51.43 -23.20 12.12
C4 MAN F . -52.35 -24.02 13.02
C5 MAN F . -51.60 -25.18 13.68
C6 MAN F . -52.53 -26.15 14.39
O2 MAN F . -51.62 -24.65 10.20
O3 MAN F . -52.17 -22.20 11.45
O4 MAN F . -52.89 -23.20 14.03
O5 MAN F . -50.89 -25.94 12.69
O6 MAN F . -51.80 -27.09 15.17
C1 NAG F . -51.73 -20.84 11.54
C2 NAG F . -51.44 -20.35 10.10
C3 NAG F . -52.71 -19.78 9.43
C4 NAG F . -54.02 -20.22 10.09
C5 NAG F . -54.02 -19.88 11.58
C6 NAG F . -54.92 -20.76 12.41
C7 NAG F . -49.09 -19.51 10.47
C8 NAG F . -48.76 -20.78 11.20
N2 NAG F . -50.37 -19.35 10.06
O3 NAG F . -52.70 -20.09 8.05
O4 NAG F . -55.13 -19.57 9.45
O5 NAG F . -52.69 -19.98 12.17
O6 NAG F . -55.18 -20.18 13.69
O7 NAG F . -48.24 -18.66 10.25
C1 MAN F . -47.75 -21.90 18.16
C2 MAN F . -48.79 -20.91 18.70
C3 MAN F . -48.33 -19.49 18.46
C4 MAN F . -46.92 -19.26 19.01
C5 MAN F . -45.94 -20.30 18.46
C6 MAN F . -44.57 -20.24 19.10
O2 MAN F . -49.00 -21.15 20.09
O3 MAN F . -49.23 -18.55 19.04
O4 MAN F . -46.46 -17.97 18.64
O5 MAN F . -46.45 -21.62 18.72
O6 MAN F . -43.59 -20.89 18.30
S SO4 G . 21.08 -15.20 2.65
O1 SO4 G . 20.37 -15.10 1.37
O2 SO4 G . 21.74 -13.92 2.96
O3 SO4 G . 20.07 -15.45 3.69
O4 SO4 G . 22.00 -16.35 2.57
S SO4 H . -6.88 0.21 22.14
O1 SO4 H . -5.64 -0.57 22.26
O2 SO4 H . -6.75 1.18 21.05
O3 SO4 H . -8.04 -0.67 21.91
O4 SO4 H . -7.11 0.95 23.40
S SO4 I . 16.17 36.22 8.60
O1 SO4 I . 17.33 36.55 9.44
O2 SO4 I . 16.21 37.00 7.36
O3 SO4 I . 16.15 34.77 8.32
O4 SO4 I . 14.90 36.59 9.26
NA NA J . 20.38 -13.08 -0.13
S SO4 K . 5.64 -2.47 -22.78
O1 SO4 K . 7.10 -2.47 -22.66
O2 SO4 K . 5.23 -2.57 -24.19
O3 SO4 K . 5.08 -3.63 -22.05
O4 SO4 K . 5.13 -1.19 -22.24
S SO4 L . -0.36 11.85 -3.72
O1 SO4 L . 0.15 10.55 -3.29
O2 SO4 L . 0.71 12.67 -4.29
O3 SO4 L . -1.41 11.60 -4.73
O4 SO4 L . -0.95 12.56 -2.56
S SO4 M . 5.08 9.13 1.89
O1 SO4 M . 6.45 8.75 1.50
O2 SO4 M . 4.48 10.00 0.86
O3 SO4 M . 4.28 7.90 2.06
O4 SO4 M . 5.12 9.87 3.16
S SO4 N . -13.17 13.55 -11.44
O1 SO4 N . -12.75 12.47 -12.35
O2 SO4 N . -14.15 14.42 -12.11
O3 SO4 N . -13.77 13.01 -10.21
O4 SO4 N . -11.97 14.34 -11.08
C1 NAG O . -17.69 1.80 34.72
C2 NAG O . -17.83 2.03 36.22
C3 NAG O . -17.57 3.50 36.54
C4 NAG O . -16.18 3.88 36.03
C5 NAG O . -16.02 3.54 34.55
C6 NAG O . -14.61 3.73 34.05
C7 NAG O . -19.29 0.72 37.68
C8 NAG O . -20.70 0.38 38.05
N2 NAG O . -19.14 1.61 36.70
O3 NAG O . -17.69 3.75 37.94
O4 NAG O . -15.95 5.27 36.23
O5 NAG O . -16.37 2.17 34.31
O6 NAG O . -14.43 3.15 32.76
O7 NAG O . -18.33 0.23 38.26
S SO4 P . -41.39 -23.11 -11.35
O1 SO4 P . -40.16 -22.32 -11.28
O2 SO4 P . -41.41 -23.88 -12.61
O3 SO4 P . -41.47 -24.02 -10.19
O4 SO4 P . -42.57 -22.21 -11.37
C1 GOL Q . -32.89 -27.78 14.63
O1 GOL Q . -32.81 -29.16 14.95
C2 GOL Q . -34.32 -27.30 14.77
O2 GOL Q . -34.34 -25.87 14.92
C3 GOL Q . -35.21 -27.74 13.63
O3 GOL Q . -34.83 -27.18 12.38
#